data_6P7L
#
_entry.id   6P7L
#
_cell.length_a   50.201
_cell.length_b   84.932
_cell.length_c   104.655
_cell.angle_alpha   90.000
_cell.angle_beta   100.108
_cell.angle_gamma   90.000
#
_symmetry.space_group_name_H-M   'P 1 21 1'
#
loop_
_entity.id
_entity.type
_entity.pdbx_description
1 polymer Aln2
2 non-polymer GLYCEROL
3 water water
#
_entity_poly.entity_id   1
_entity_poly.type   'polypeptide(L)'
_entity_poly.pdbx_seq_one_letter_code
;MTTDETTTTDATTITDATTIADATTRNAPKLPSPELYVEVTQFYARQMHRMDGDDFGGFAATFVAGAEFRLAGGTVLTGP
EAIEAGARAAAGRFDGAQPRHWFDMMTVEEADDGTVSTSYYATVTVTSAQGAVLVEPTCFVRDTLVRVSGVLRSRSRVIE
RDDLVVRARTQG
;
_entity_poly.pdbx_strand_id   A,B,C,D,E,F
#
# COMPACT_ATOMS: atom_id res chain seq x y z
N LYS A 30 -18.16 -23.02 -24.92
CA LYS A 30 -18.14 -22.44 -23.58
C LYS A 30 -18.08 -20.92 -23.62
N LEU A 31 -17.83 -20.35 -24.80
CA LEU A 31 -17.74 -18.89 -24.88
C LEU A 31 -19.14 -18.30 -24.68
N PRO A 32 -19.26 -17.18 -23.99
CA PRO A 32 -20.59 -16.56 -23.85
C PRO A 32 -21.03 -15.92 -25.16
N SER A 33 -22.36 -15.88 -25.37
CA SER A 33 -22.89 -15.16 -26.53
C SER A 33 -22.52 -13.68 -26.38
N PRO A 34 -22.39 -12.95 -27.49
CA PRO A 34 -22.13 -11.51 -27.34
C PRO A 34 -23.23 -10.79 -26.59
N GLU A 35 -24.49 -11.21 -26.77
CA GLU A 35 -25.59 -10.59 -26.06
C GLU A 35 -25.42 -10.74 -24.56
N LEU A 36 -25.06 -11.95 -24.13
CA LEU A 36 -24.85 -12.21 -22.70
C LEU A 36 -23.67 -11.40 -22.18
N TYR A 37 -22.56 -11.40 -22.93
CA TYR A 37 -21.38 -10.64 -22.49
C TYR A 37 -21.71 -9.16 -22.30
N VAL A 38 -22.38 -8.57 -23.28
CA VAL A 38 -22.76 -7.16 -23.16
C VAL A 38 -23.67 -6.97 -21.95
N GLU A 39 -24.64 -7.88 -21.77
CA GLU A 39 -25.57 -7.78 -20.65
C GLU A 39 -24.84 -7.80 -19.31
N VAL A 40 -23.82 -8.68 -19.19
CA VAL A 40 -23.01 -8.77 -17.98
C VAL A 40 -22.23 -7.48 -17.75
N THR A 41 -21.61 -6.91 -18.79
CA THR A 41 -20.85 -5.69 -18.57
C THR A 41 -21.76 -4.57 -18.07
N GLN A 42 -22.98 -4.51 -18.58
CA GLN A 42 -23.90 -3.44 -18.21
C GLN A 42 -24.44 -3.67 -16.80
N PHE A 43 -24.70 -4.92 -16.43
CA PHE A 43 -25.11 -5.22 -15.07
C PHE A 43 -24.07 -4.74 -14.06
N TYR A 44 -22.81 -5.06 -14.31
CA TYR A 44 -21.77 -4.72 -13.34
C TYR A 44 -21.48 -3.22 -13.30
N ALA A 45 -21.52 -2.56 -14.47
CA ALA A 45 -21.31 -1.12 -14.49
C ALA A 45 -22.36 -0.44 -13.62
N ARG A 46 -23.63 -0.82 -13.82
CA ARG A 46 -24.70 -0.20 -13.05
C ARG A 46 -24.61 -0.61 -11.58
N GLN A 47 -24.26 -1.86 -11.32
CA GLN A 47 -24.18 -2.30 -9.92
C GLN A 47 -23.11 -1.51 -9.16
N MET A 48 -21.93 -1.34 -9.77
CA MET A 48 -20.86 -0.65 -9.07
C MET A 48 -21.11 0.87 -9.04
N HIS A 49 -21.75 1.42 -10.08
CA HIS A 49 -22.10 2.84 -10.00
C HIS A 49 -22.96 3.10 -8.77
N ARG A 50 -23.91 2.20 -8.50
CA ARG A 50 -24.78 2.38 -7.36
C ARG A 50 -24.00 2.27 -6.06
N MET A 51 -23.15 1.25 -5.96
CA MET A 51 -22.43 1.06 -4.71
C MET A 51 -21.49 2.21 -4.46
N ASP A 52 -20.71 2.59 -5.47
CA ASP A 52 -19.73 3.67 -5.30
C ASP A 52 -20.41 5.02 -5.09
N GLY A 53 -21.65 5.16 -5.56
CA GLY A 53 -22.40 6.38 -5.39
C GLY A 53 -23.23 6.43 -4.13
N ASP A 54 -22.99 5.51 -3.21
CA ASP A 54 -23.67 5.43 -1.92
C ASP A 54 -25.16 5.08 -2.05
N ASP A 55 -25.56 4.51 -3.18
CA ASP A 55 -26.90 3.97 -3.33
C ASP A 55 -26.89 2.50 -2.89
N PHE A 56 -26.75 2.33 -1.57
CA PHE A 56 -26.56 0.99 -1.02
C PHE A 56 -27.84 0.18 -1.16
N GLY A 57 -29.01 0.83 -1.08
CA GLY A 57 -30.25 0.11 -1.31
C GLY A 57 -30.37 -0.39 -2.73
N GLY A 58 -30.02 0.46 -3.71
CA GLY A 58 -30.05 0.05 -5.09
C GLY A 58 -29.02 -1.02 -5.39
N PHE A 59 -27.84 -0.94 -4.79
CA PHE A 59 -26.84 -2.00 -4.91
C PHE A 59 -27.40 -3.33 -4.42
N ALA A 60 -27.97 -3.31 -3.21
CA ALA A 60 -28.47 -4.55 -2.63
C ALA A 60 -29.66 -5.10 -3.41
N ALA A 61 -30.45 -4.23 -4.02
CA ALA A 61 -31.62 -4.67 -4.78
C ALA A 61 -31.24 -5.46 -6.02
N THR A 62 -29.97 -5.40 -6.43
CA THR A 62 -29.55 -6.21 -7.55
C THR A 62 -29.34 -7.67 -7.15
N PHE A 63 -29.38 -7.98 -5.83
CA PHE A 63 -29.23 -9.34 -5.35
C PHE A 63 -30.59 -10.00 -5.16
N VAL A 64 -30.66 -11.31 -5.41
CA VAL A 64 -31.89 -12.06 -5.20
C VAL A 64 -32.08 -12.42 -3.74
N ALA A 65 -33.31 -12.79 -3.40
CA ALA A 65 -33.59 -13.30 -2.06
C ALA A 65 -32.66 -14.48 -1.76
N GLY A 66 -32.14 -14.53 -0.54
CA GLY A 66 -31.24 -15.60 -0.18
C GLY A 66 -29.87 -15.57 -0.83
N ALA A 67 -29.51 -14.49 -1.54
CA ALA A 67 -28.17 -14.40 -2.13
C ALA A 67 -27.09 -14.52 -1.05
N GLU A 68 -25.98 -15.15 -1.40
CA GLU A 68 -24.88 -15.34 -0.47
C GLU A 68 -23.73 -14.45 -0.88
N PHE A 69 -23.24 -13.64 0.07
CA PHE A 69 -22.13 -12.73 -0.15
C PHE A 69 -21.03 -13.12 0.82
N ARG A 70 -19.94 -13.69 0.28
CA ARG A 70 -18.86 -14.22 1.11
C ARG A 70 -17.70 -13.25 1.05
N LEU A 71 -17.41 -12.67 2.22
CA LEU A 71 -16.42 -11.65 2.43
C LEU A 71 -15.05 -12.29 2.45
N ALA A 72 -14.05 -11.43 2.26
CA ALA A 72 -12.68 -11.92 2.19
C ALA A 72 -12.31 -12.74 3.43
N GLY A 73 -12.79 -12.35 4.59
CA GLY A 73 -12.41 -13.00 5.83
C GLY A 73 -13.16 -14.25 6.20
N GLY A 74 -14.18 -14.61 5.44
CA GLY A 74 -14.98 -15.77 5.71
C GLY A 74 -16.38 -15.49 6.20
N THR A 75 -16.66 -14.27 6.64
CA THR A 75 -18.03 -13.93 7.01
C THR A 75 -18.94 -13.96 5.78
N VAL A 76 -20.13 -14.54 5.95
CA VAL A 76 -21.11 -14.63 4.88
C VAL A 76 -22.27 -13.73 5.26
N LEU A 77 -22.71 -12.92 4.32
CA LEU A 77 -23.95 -12.17 4.43
C LEU A 77 -24.99 -12.88 3.58
N THR A 78 -26.14 -13.17 4.17
CA THR A 78 -27.20 -13.89 3.47
C THR A 78 -28.40 -12.97 3.31
N GLY A 79 -28.80 -12.78 2.06
CA GLY A 79 -29.97 -11.99 1.75
C GLY A 79 -29.65 -10.55 1.46
N PRO A 80 -30.47 -9.92 0.62
CA PRO A 80 -30.15 -8.54 0.21
C PRO A 80 -30.14 -7.55 1.35
N GLU A 81 -31.00 -7.71 2.36
CA GLU A 81 -30.99 -6.76 3.49
C GLU A 81 -29.67 -6.82 4.24
N ALA A 82 -29.15 -8.02 4.50
CA ALA A 82 -27.86 -8.14 5.16
C ALA A 82 -26.75 -7.58 4.27
N ILE A 83 -26.86 -7.80 2.96
CA ILE A 83 -25.85 -7.30 2.04
C ILE A 83 -25.87 -5.77 2.01
N GLU A 84 -27.06 -5.17 2.04
CA GLU A 84 -27.11 -3.71 2.10
C GLU A 84 -26.44 -3.20 3.38
N ALA A 85 -26.78 -3.79 4.52
CA ALA A 85 -26.19 -3.35 5.78
C ALA A 85 -24.68 -3.52 5.76
N GLY A 86 -24.18 -4.65 5.22
CA GLY A 86 -22.74 -4.86 5.18
C GLY A 86 -22.03 -3.89 4.27
N ALA A 87 -22.64 -3.58 3.13
CA ALA A 87 -22.04 -2.64 2.20
C ALA A 87 -21.97 -1.24 2.78
N ARG A 88 -23.04 -0.81 3.43
CA ARG A 88 -23.02 0.49 4.09
C ARG A 88 -21.96 0.55 5.18
N ALA A 89 -21.89 -0.51 6.01
CA ALA A 89 -20.91 -0.53 7.09
C ALA A 89 -19.50 -0.49 6.53
N ALA A 90 -19.24 -1.29 5.48
CA ALA A 90 -17.89 -1.35 4.91
C ALA A 90 -17.45 -0.04 4.32
N ALA A 91 -18.40 0.74 3.80
CA ALA A 91 -18.09 2.03 3.18
C ALA A 91 -17.54 3.00 4.21
N GLY A 92 -17.76 2.75 5.49
CA GLY A 92 -17.18 3.65 6.49
C GLY A 92 -15.68 3.78 6.35
N ARG A 93 -15.01 2.76 5.80
CA ARG A 93 -13.55 2.79 5.67
C ARG A 93 -13.09 3.91 4.75
N PHE A 94 -13.96 4.46 3.91
CA PHE A 94 -13.56 5.51 2.97
C PHE A 94 -13.53 6.91 3.57
N ASP A 95 -14.20 7.13 4.71
CA ASP A 95 -14.03 8.36 5.49
C ASP A 95 -14.37 9.63 4.72
N GLY A 96 -15.40 9.57 3.89
CA GLY A 96 -15.82 10.70 3.09
C GLY A 96 -15.11 10.85 1.76
N ALA A 97 -14.12 10.05 1.48
CA ALA A 97 -13.45 10.03 0.18
C ALA A 97 -14.28 9.19 -0.78
N GLN A 98 -13.89 9.21 -2.05
CA GLN A 98 -14.71 8.64 -3.12
C GLN A 98 -14.12 7.34 -3.61
N PRO A 99 -14.77 6.21 -3.38
CA PRO A 99 -14.29 4.94 -3.94
C PRO A 99 -14.69 4.78 -5.39
N ARG A 100 -13.87 4.04 -6.12
CA ARG A 100 -14.26 3.57 -7.45
C ARG A 100 -13.80 2.12 -7.56
N HIS A 101 -14.73 1.24 -7.91
CA HIS A 101 -14.43 -0.18 -8.11
C HIS A 101 -14.02 -0.36 -9.57
N TRP A 102 -12.94 -1.12 -9.78
CA TRP A 102 -12.40 -1.43 -11.10
C TRP A 102 -12.37 -2.95 -11.24
N PHE A 103 -13.03 -3.48 -12.27
CA PHE A 103 -13.02 -4.89 -12.58
C PHE A 103 -12.27 -5.09 -13.87
N ASP A 104 -11.62 -6.24 -14.02
CA ASP A 104 -10.94 -6.57 -15.27
C ASP A 104 -10.69 -8.05 -15.32
N MET A 105 -10.27 -8.51 -16.52
CA MET A 105 -9.90 -9.91 -16.79
C MET A 105 -11.05 -10.84 -16.42
N MET A 106 -12.24 -10.55 -16.94
CA MET A 106 -13.46 -11.24 -16.53
C MET A 106 -13.81 -12.40 -17.47
N THR A 107 -13.88 -13.62 -16.92
CA THR A 107 -14.42 -14.77 -17.61
C THR A 107 -15.93 -14.80 -17.39
N VAL A 108 -16.65 -15.29 -18.38
CA VAL A 108 -18.11 -15.39 -18.34
C VAL A 108 -18.51 -16.75 -18.91
N GLU A 109 -19.30 -17.53 -18.16
CA GLU A 109 -19.78 -18.83 -18.64
C GLU A 109 -21.26 -18.91 -18.34
N GLU A 110 -22.05 -19.39 -19.32
CA GLU A 110 -23.49 -19.57 -19.15
C GLU A 110 -23.81 -21.05 -19.09
N ALA A 111 -24.53 -21.46 -18.06
CA ALA A 111 -24.97 -22.84 -17.96
C ALA A 111 -26.23 -23.05 -18.78
N ASP A 112 -26.53 -24.32 -19.05
CA ASP A 112 -27.70 -24.62 -19.88
C ASP A 112 -28.99 -24.07 -19.28
N ASP A 113 -29.05 -23.87 -17.97
CA ASP A 113 -30.26 -23.32 -17.38
C ASP A 113 -30.23 -21.79 -17.26
N GLY A 114 -29.27 -21.13 -17.90
CA GLY A 114 -29.20 -19.69 -17.85
C GLY A 114 -28.39 -19.12 -16.71
N THR A 115 -27.95 -19.94 -15.78
CA THR A 115 -27.08 -19.44 -14.71
C THR A 115 -25.74 -19.02 -15.30
N VAL A 116 -25.27 -17.85 -14.88
CA VAL A 116 -24.03 -17.25 -15.36
C VAL A 116 -22.98 -17.26 -14.26
N SER A 117 -21.79 -17.77 -14.57
CA SER A 117 -20.67 -17.76 -13.65
C SER A 117 -19.62 -16.81 -14.20
N THR A 118 -19.10 -15.93 -13.35
CA THR A 118 -18.01 -15.05 -13.74
C THR A 118 -16.87 -15.13 -12.73
N SER A 119 -15.67 -14.78 -13.19
CA SER A 119 -14.49 -14.63 -12.34
C SER A 119 -13.75 -13.43 -12.88
N TYR A 120 -13.23 -12.62 -11.97
CA TYR A 120 -12.56 -11.41 -12.43
C TYR A 120 -11.66 -10.86 -11.34
N TYR A 121 -10.79 -9.95 -11.77
CA TYR A 121 -9.98 -9.17 -10.86
C TYR A 121 -10.74 -7.90 -10.45
N ALA A 122 -10.55 -7.46 -9.22
CA ALA A 122 -11.13 -6.22 -8.75
C ALA A 122 -10.19 -5.50 -7.81
N THR A 123 -10.27 -4.16 -7.88
CA THR A 123 -9.66 -3.32 -6.87
C THR A 123 -10.53 -2.09 -6.68
N VAL A 124 -10.20 -1.34 -5.66
CA VAL A 124 -10.89 -0.08 -5.33
C VAL A 124 -9.84 0.99 -5.21
N THR A 125 -10.05 2.09 -5.95
CA THR A 125 -9.30 3.31 -5.72
C THR A 125 -10.11 4.20 -4.79
N VAL A 126 -9.42 4.95 -3.95
CA VAL A 126 -10.08 5.88 -3.03
C VAL A 126 -9.45 7.25 -3.19
N THR A 127 -10.24 8.21 -3.68
CA THR A 127 -9.77 9.54 -4.01
C THR A 127 -10.28 10.53 -2.98
N SER A 128 -9.37 11.25 -2.36
CA SER A 128 -9.70 12.20 -1.30
C SER A 128 -9.81 13.64 -1.80
N ALA A 129 -10.30 14.49 -0.88
CA ALA A 129 -10.44 15.92 -1.15
C ALA A 129 -9.10 16.58 -1.46
N GLN A 130 -7.99 16.01 -0.98
CA GLN A 130 -6.68 16.57 -1.23
C GLN A 130 -6.04 16.00 -2.49
N GLY A 131 -6.78 15.19 -3.25
CA GLY A 131 -6.26 14.57 -4.44
C GLY A 131 -5.42 13.34 -4.19
N ALA A 132 -5.38 12.84 -2.96
CA ALA A 132 -4.72 11.57 -2.71
C ALA A 132 -5.53 10.46 -3.36
N VAL A 133 -4.81 9.47 -3.90
CA VAL A 133 -5.40 8.27 -4.46
C VAL A 133 -4.78 7.06 -3.77
N LEU A 134 -5.59 6.29 -3.05
CA LEU A 134 -5.19 5.01 -2.46
C LEU A 134 -5.66 3.88 -3.37
N VAL A 135 -4.86 2.83 -3.51
CA VAL A 135 -5.27 1.62 -4.21
C VAL A 135 -5.38 0.48 -3.22
N GLU A 136 -6.57 -0.09 -3.10
CA GLU A 136 -6.80 -1.17 -2.16
C GLU A 136 -6.25 -2.50 -2.67
N PRO A 137 -5.96 -3.43 -1.76
CA PRO A 137 -5.45 -4.74 -2.19
C PRO A 137 -6.34 -5.35 -3.26
N THR A 138 -5.72 -5.96 -4.25
CA THR A 138 -6.50 -6.54 -5.31
C THR A 138 -7.22 -7.79 -4.79
N CYS A 139 -8.32 -8.11 -5.45
CA CYS A 139 -9.16 -9.26 -5.14
C CYS A 139 -9.40 -10.09 -6.39
N PHE A 140 -9.61 -11.37 -6.16
CA PHE A 140 -10.14 -12.27 -7.18
C PHE A 140 -11.54 -12.63 -6.78
N VAL A 141 -12.50 -12.33 -7.68
CA VAL A 141 -13.91 -12.40 -7.38
C VAL A 141 -14.55 -13.47 -8.24
N ARG A 142 -15.43 -14.27 -7.63
CA ARG A 142 -16.25 -15.23 -8.35
C ARG A 142 -17.72 -14.94 -8.04
N ASP A 143 -18.52 -14.73 -9.08
CA ASP A 143 -19.95 -14.47 -8.94
C ASP A 143 -20.78 -15.54 -9.63
N THR A 144 -22.02 -15.70 -9.20
CA THR A 144 -23.03 -16.33 -10.03
C THR A 144 -24.17 -15.33 -10.20
N LEU A 145 -24.68 -15.24 -11.42
CA LEU A 145 -25.81 -14.39 -11.76
C LEU A 145 -26.95 -15.25 -12.27
N VAL A 146 -28.17 -14.79 -12.02
CA VAL A 146 -29.36 -15.49 -12.47
C VAL A 146 -30.30 -14.47 -13.09
N ARG A 147 -31.19 -14.95 -13.94
CA ARG A 147 -32.15 -14.10 -14.64
C ARG A 147 -33.48 -14.13 -13.90
N VAL A 148 -34.02 -12.95 -13.56
CA VAL A 148 -35.30 -12.85 -12.86
C VAL A 148 -36.14 -11.84 -13.62
N SER A 149 -37.30 -12.31 -14.11
CA SER A 149 -38.18 -11.53 -14.98
C SER A 149 -37.37 -10.88 -16.09
N GLY A 150 -36.42 -11.63 -16.65
CA GLY A 150 -35.71 -11.24 -17.82
C GLY A 150 -34.44 -10.47 -17.60
N VAL A 151 -34.10 -10.15 -16.35
CA VAL A 151 -32.96 -9.29 -16.08
C VAL A 151 -32.00 -10.03 -15.17
N LEU A 152 -30.72 -9.74 -15.32
CA LEU A 152 -29.73 -10.37 -14.47
C LEU A 152 -29.77 -9.82 -13.05
N ARG A 153 -29.51 -10.71 -12.09
CA ARG A 153 -29.39 -10.42 -10.67
C ARG A 153 -28.23 -11.23 -10.10
N SER A 154 -27.62 -10.71 -9.04
CA SER A 154 -26.56 -11.42 -8.35
C SER A 154 -27.15 -12.48 -7.42
N ARG A 155 -26.65 -13.71 -7.52
CA ARG A 155 -27.02 -14.80 -6.61
C ARG A 155 -25.96 -15.13 -5.58
N SER A 156 -24.69 -15.07 -5.98
CA SER A 156 -23.57 -15.44 -5.13
C SER A 156 -22.44 -14.49 -5.48
N ARG A 157 -21.68 -14.05 -4.47
CA ARG A 157 -20.44 -13.31 -4.69
C ARG A 157 -19.43 -13.84 -3.68
N VAL A 158 -18.25 -14.25 -4.13
CA VAL A 158 -17.18 -14.72 -3.24
C VAL A 158 -15.92 -13.91 -3.56
N ILE A 159 -15.39 -13.22 -2.56
CA ILE A 159 -14.23 -12.34 -2.72
C ILE A 159 -13.03 -13.00 -2.04
N GLU A 160 -11.94 -13.20 -2.78
CA GLU A 160 -10.68 -13.67 -2.21
C GLU A 160 -9.72 -12.48 -2.28
N ARG A 161 -9.26 -11.99 -1.13
CA ARG A 161 -8.39 -10.82 -1.12
C ARG A 161 -6.94 -11.26 -1.23
N ASP A 162 -6.22 -10.64 -2.17
CA ASP A 162 -4.90 -11.15 -2.51
C ASP A 162 -3.92 -11.00 -1.35
N ASP A 163 -4.07 -9.95 -0.52
CA ASP A 163 -3.14 -9.84 0.61
C ASP A 163 -3.34 -11.00 1.58
N LEU A 164 -4.59 -11.41 1.80
CA LEU A 164 -4.89 -12.53 2.69
C LEU A 164 -4.36 -13.83 2.11
N VAL A 165 -4.47 -14.00 0.79
CA VAL A 165 -3.91 -15.18 0.11
C VAL A 165 -2.41 -15.24 0.29
N VAL A 166 -1.74 -14.09 0.08
CA VAL A 166 -0.30 -14.02 0.28
C VAL A 166 0.07 -14.41 1.71
N ARG A 167 -0.65 -13.84 2.69
CA ARG A 167 -0.31 -14.10 4.08
C ARG A 167 -0.42 -15.59 4.39
N ALA A 168 -1.45 -16.25 3.88
CA ALA A 168 -1.61 -17.68 4.11
C ALA A 168 -0.52 -18.52 3.45
N ARG A 169 0.15 -17.97 2.44
CA ARG A 169 1.29 -18.65 1.78
C ARG A 169 2.63 -18.38 2.49
N LYS B 30 28.16 -1.33 32.68
CA LYS B 30 27.96 -1.64 31.27
C LYS B 30 26.88 -0.75 30.67
N LEU B 31 25.93 -0.32 31.49
CA LEU B 31 24.85 0.52 30.99
C LEU B 31 25.39 1.91 30.64
N PRO B 32 24.90 2.51 29.55
CA PRO B 32 25.34 3.85 29.19
C PRO B 32 24.72 4.87 30.13
N SER B 33 25.40 6.01 30.30
CA SER B 33 24.76 7.08 31.06
C SER B 33 23.50 7.53 30.33
N PRO B 34 22.52 8.08 31.04
CA PRO B 34 21.36 8.62 30.32
C PRO B 34 21.74 9.71 29.35
N GLU B 35 22.73 10.54 29.67
CA GLU B 35 23.17 11.56 28.72
C GLU B 35 23.67 10.92 27.43
N LEU B 36 24.48 9.89 27.54
CA LEU B 36 24.97 9.23 26.33
C LEU B 36 23.83 8.59 25.54
N TYR B 37 22.92 7.88 26.23
CA TYR B 37 21.79 7.26 25.55
C TYR B 37 20.98 8.28 24.77
N VAL B 38 20.65 9.42 25.40
CA VAL B 38 19.89 10.46 24.69
C VAL B 38 20.67 10.98 23.49
N GLU B 39 21.95 11.25 23.68
CA GLU B 39 22.77 11.77 22.60
C GLU B 39 22.77 10.81 21.42
N VAL B 40 22.84 9.50 21.68
CA VAL B 40 22.79 8.53 20.61
C VAL B 40 21.45 8.56 19.88
N THR B 41 20.35 8.67 20.61
CA THR B 41 19.06 8.69 19.91
C THR B 41 18.96 9.90 18.99
N GLN B 42 19.50 11.04 19.46
CA GLN B 42 19.43 12.28 18.70
C GLN B 42 20.36 12.27 17.50
N PHE B 43 21.54 11.68 17.68
CA PHE B 43 22.46 11.46 16.56
C PHE B 43 21.78 10.68 15.44
N TYR B 44 21.16 9.55 15.79
CA TYR B 44 20.57 8.72 14.76
C TYR B 44 19.33 9.38 14.16
N ALA B 45 18.52 10.06 14.97
CA ALA B 45 17.35 10.73 14.40
C ALA B 45 17.77 11.74 13.34
N ARG B 46 18.80 12.56 13.66
CA ARG B 46 19.25 13.59 12.72
C ARG B 46 19.93 12.96 11.52
N GLN B 47 20.72 11.91 11.74
CA GLN B 47 21.42 11.23 10.65
C GLN B 47 20.42 10.65 9.64
N MET B 48 19.37 9.97 10.13
CA MET B 48 18.41 9.38 9.20
C MET B 48 17.50 10.44 8.58
N HIS B 49 17.13 11.48 9.32
CA HIS B 49 16.32 12.53 8.68
C HIS B 49 17.05 13.09 7.49
N ARG B 50 18.37 13.25 7.62
CA ARG B 50 19.18 13.78 6.53
C ARG B 50 19.18 12.81 5.35
N MET B 51 19.44 11.53 5.62
CA MET B 51 19.49 10.59 4.51
C MET B 51 18.14 10.44 3.83
N ASP B 52 17.08 10.27 4.61
CA ASP B 52 15.74 10.09 4.05
C ASP B 52 15.27 11.36 3.33
N GLY B 53 15.79 12.51 3.73
CA GLY B 53 15.44 13.76 3.09
C GLY B 53 16.34 14.16 1.95
N ASP B 54 17.23 13.26 1.50
CA ASP B 54 18.13 13.44 0.37
C ASP B 54 19.22 14.46 0.63
N ASP B 55 19.53 14.72 1.90
CA ASP B 55 20.67 15.54 2.26
C ASP B 55 21.87 14.62 2.43
N PHE B 56 22.37 14.11 1.29
CA PHE B 56 23.39 13.07 1.34
C PHE B 56 24.72 13.60 1.83
N GLY B 57 25.04 14.85 1.53
CA GLY B 57 26.24 15.45 2.10
C GLY B 57 26.12 15.61 3.60
N GLY B 58 24.96 16.06 4.08
CA GLY B 58 24.76 16.18 5.50
C GLY B 58 24.79 14.84 6.20
N PHE B 59 24.23 13.81 5.56
CA PHE B 59 24.36 12.45 6.09
C PHE B 59 25.83 12.07 6.21
N ALA B 60 26.59 12.31 5.14
CA ALA B 60 27.99 11.92 5.10
C ALA B 60 28.80 12.68 6.13
N ALA B 61 28.41 13.91 6.45
CA ALA B 61 29.15 14.70 7.44
C ALA B 61 29.06 14.09 8.83
N THR B 62 28.11 13.19 9.06
CA THR B 62 28.04 12.56 10.37
C THR B 62 29.09 11.47 10.54
N PHE B 63 29.84 11.13 9.49
CA PHE B 63 30.89 10.13 9.56
C PHE B 63 32.25 10.79 9.65
N VAL B 64 33.17 10.13 10.37
CA VAL B 64 34.53 10.66 10.45
C VAL B 64 35.29 10.37 9.16
N ALA B 65 36.35 11.12 8.96
CA ALA B 65 37.27 10.80 7.87
C ALA B 65 37.74 9.37 8.07
N GLY B 66 37.76 8.59 7.03
CA GLY B 66 38.18 7.21 7.20
C GLY B 66 37.17 6.30 7.84
N ALA B 67 35.94 6.77 8.03
CA ALA B 67 34.88 5.88 8.48
C ALA B 67 34.69 4.75 7.47
N GLU B 68 34.35 3.55 7.98
CA GLU B 68 34.11 2.38 7.14
C GLU B 68 32.64 1.99 7.23
N PHE B 69 32.01 1.82 6.06
CA PHE B 69 30.61 1.45 5.89
C PHE B 69 30.57 0.15 5.10
N ARG B 70 30.16 -0.94 5.75
CA ARG B 70 30.16 -2.27 5.14
C ARG B 70 28.73 -2.66 4.82
N LEU B 71 28.45 -2.81 3.53
CA LEU B 71 27.14 -3.16 3.01
C LEU B 71 26.87 -4.64 3.12
N THR B 75 30.77 -5.43 0.27
CA THR B 75 31.61 -4.27 -0.04
C THR B 75 31.56 -3.14 1.01
N VAL B 76 32.75 -2.58 1.18
CA VAL B 76 33.05 -1.55 2.16
C VAL B 76 33.25 -0.22 1.44
N LEU B 77 32.62 0.82 1.97
CA LEU B 77 32.87 2.20 1.58
C LEU B 77 33.69 2.87 2.67
N THR B 78 34.77 3.54 2.29
CA THR B 78 35.65 4.21 3.23
C THR B 78 35.63 5.72 2.97
N GLY B 79 35.32 6.47 4.02
CA GLY B 79 35.37 7.92 3.97
C GLY B 79 34.04 8.54 3.62
N PRO B 80 33.81 9.78 4.07
CA PRO B 80 32.52 10.42 3.79
C PRO B 80 32.23 10.58 2.31
N GLU B 81 33.23 10.84 1.47
CA GLU B 81 32.93 11.01 0.06
C GLU B 81 32.33 9.74 -0.55
N ALA B 82 32.95 8.59 -0.28
CA ALA B 82 32.43 7.34 -0.82
C ALA B 82 31.07 7.00 -0.18
N ILE B 83 30.91 7.32 1.11
CA ILE B 83 29.65 7.02 1.78
C ILE B 83 28.53 7.88 1.19
N GLU B 84 28.82 9.14 0.89
CA GLU B 84 27.81 10.00 0.28
C GLU B 84 27.40 9.47 -1.08
N ALA B 85 28.38 9.16 -1.94
CA ALA B 85 28.08 8.69 -3.29
C ALA B 85 27.30 7.39 -3.26
N GLY B 86 27.69 6.48 -2.37
CA GLY B 86 26.96 5.23 -2.24
C GLY B 86 25.55 5.47 -1.74
N ALA B 87 25.38 6.40 -0.80
CA ALA B 87 24.03 6.68 -0.31
C ALA B 87 23.17 7.26 -1.43
N ARG B 88 23.75 8.18 -2.21
CA ARG B 88 23.02 8.76 -3.33
C ARG B 88 22.63 7.68 -4.33
N ALA B 89 23.57 6.78 -4.64
CA ALA B 89 23.30 5.71 -5.59
C ALA B 89 22.22 4.76 -5.06
N ALA B 90 22.35 4.34 -3.82
CA ALA B 90 21.37 3.42 -3.24
C ALA B 90 19.98 4.03 -3.22
N ALA B 91 19.88 5.34 -3.06
CA ALA B 91 18.57 5.99 -3.04
C ALA B 91 17.84 5.85 -4.36
N GLY B 92 18.56 5.60 -5.46
CA GLY B 92 17.91 5.45 -6.74
C GLY B 92 16.88 4.34 -6.76
N ARG B 93 17.02 3.34 -5.89
CA ARG B 93 16.08 2.24 -5.85
C ARG B 93 14.67 2.67 -5.42
N PHE B 94 14.53 3.85 -4.82
CA PHE B 94 13.23 4.30 -4.34
C PHE B 94 12.37 4.90 -5.45
N ASP B 95 12.96 5.29 -6.58
CA ASP B 95 12.20 5.69 -7.77
C ASP B 95 11.26 6.85 -7.47
N GLY B 96 11.75 7.85 -6.75
CA GLY B 96 10.95 9.01 -6.44
C GLY B 96 10.01 8.84 -5.26
N ALA B 97 9.92 7.63 -4.69
CA ALA B 97 9.06 7.41 -3.53
C ALA B 97 9.81 7.88 -2.29
N GLN B 98 9.10 7.91 -1.16
CA GLN B 98 9.70 8.49 0.03
C GLN B 98 10.16 7.42 1.00
N PRO B 99 11.46 7.26 1.21
CA PRO B 99 11.94 6.33 2.22
C PRO B 99 11.87 6.89 3.64
N ARG B 100 11.68 5.98 4.57
CA ARG B 100 11.86 6.29 5.99
C ARG B 100 12.59 5.13 6.68
N HIS B 101 13.69 5.41 7.37
CA HIS B 101 14.44 4.39 8.10
C HIS B 101 13.84 4.28 9.49
N TRP B 102 13.63 3.05 9.95
CA TRP B 102 13.11 2.76 11.30
C TRP B 102 14.16 1.93 12.04
N PHE B 103 14.62 2.41 13.20
CA PHE B 103 15.54 1.66 14.05
C PHE B 103 14.79 1.23 15.32
N ASP B 104 15.18 0.10 15.90
CA ASP B 104 14.58 -0.29 17.16
C ASP B 104 15.46 -1.34 17.80
N MET B 105 15.16 -1.64 19.07
CA MET B 105 15.87 -2.66 19.82
C MET B 105 17.37 -2.37 19.85
N MET B 106 17.70 -1.16 20.24
CA MET B 106 19.08 -0.69 20.16
C MET B 106 19.85 -0.86 21.47
N THR B 107 20.96 -1.60 21.40
CA THR B 107 21.90 -1.64 22.49
C THR B 107 22.90 -0.50 22.36
N VAL B 108 23.33 0.03 23.50
CA VAL B 108 24.30 1.13 23.55
C VAL B 108 25.28 0.82 24.67
N GLU B 109 26.56 0.79 24.33
CA GLU B 109 27.60 0.51 25.31
C GLU B 109 28.79 1.41 25.05
N GLU B 110 29.37 1.96 26.13
CA GLU B 110 30.57 2.78 26.02
C GLU B 110 31.77 1.95 26.46
N ALA B 111 32.77 1.88 25.58
CA ALA B 111 33.99 1.15 25.91
C ALA B 111 34.93 2.01 26.76
N ASP B 112 35.92 1.34 27.37
CA ASP B 112 36.85 2.03 28.25
C ASP B 112 37.62 3.13 27.53
N ASP B 113 37.79 2.99 26.22
CA ASP B 113 38.50 3.99 25.42
C ASP B 113 37.56 5.03 24.82
N GLY B 114 36.32 5.14 25.30
CA GLY B 114 35.41 6.16 24.85
C GLY B 114 34.63 5.83 23.59
N THR B 115 34.94 4.72 22.92
CA THR B 115 34.16 4.32 21.77
C THR B 115 32.79 3.79 22.17
N VAL B 116 31.77 4.17 21.41
CA VAL B 116 30.41 3.75 21.68
C VAL B 116 30.04 2.72 20.62
N SER B 117 29.59 1.55 21.08
CA SER B 117 29.11 0.48 20.22
C SER B 117 27.61 0.36 20.35
N THR B 118 26.92 0.28 19.22
CA THR B 118 25.48 0.03 19.20
C THR B 118 25.18 -1.14 18.27
N SER B 119 24.06 -1.80 18.53
CA SER B 119 23.51 -2.81 17.65
C SER B 119 22.01 -2.61 17.66
N TYR B 120 21.38 -2.76 16.50
CA TYR B 120 19.95 -2.48 16.41
C TYR B 120 19.35 -3.13 15.17
N TYR B 121 18.03 -3.16 15.18
CA TYR B 121 17.22 -3.57 14.05
C TYR B 121 16.94 -2.35 13.21
N ALA B 122 16.90 -2.54 11.90
CA ALA B 122 16.59 -1.49 10.95
C ALA B 122 15.76 -2.02 9.80
N THR B 123 14.82 -1.22 9.36
CA THR B 123 14.17 -1.49 8.07
C THR B 123 13.90 -0.14 7.45
N VAL B 124 13.51 -0.18 6.16
CA VAL B 124 13.14 1.02 5.43
C VAL B 124 11.74 0.80 4.89
N THR B 125 10.84 1.75 5.16
CA THR B 125 9.57 1.81 4.46
C THR B 125 9.71 2.76 3.27
N VAL B 126 9.02 2.43 2.18
CA VAL B 126 9.08 3.22 0.96
C VAL B 126 7.62 3.49 0.58
N THR B 127 7.19 4.76 0.68
CA THR B 127 5.79 5.13 0.47
C THR B 127 5.65 5.77 -0.91
N SER B 128 4.72 5.23 -1.69
CA SER B 128 4.51 5.65 -3.06
C SER B 128 3.55 6.83 -3.12
N ALA B 129 3.39 7.37 -4.33
CA ALA B 129 2.42 8.43 -4.55
C ALA B 129 1.00 8.02 -4.19
N GLN B 130 0.72 6.73 -4.19
CA GLN B 130 -0.61 6.24 -3.84
C GLN B 130 -0.68 5.79 -2.39
N GLY B 131 0.36 6.03 -1.61
CA GLY B 131 0.33 5.61 -0.22
C GLY B 131 0.60 4.15 0.01
N ALA B 132 1.01 3.40 -1.02
CA ALA B 132 1.45 2.03 -0.81
C ALA B 132 2.76 2.06 -0.05
N VAL B 133 2.89 1.21 0.97
CA VAL B 133 4.11 1.20 1.78
C VAL B 133 4.79 -0.14 1.54
N LEU B 134 5.95 -0.09 0.90
CA LEU B 134 6.79 -1.27 0.76
C LEU B 134 7.63 -1.35 2.02
N VAL B 135 7.77 -2.55 2.58
CA VAL B 135 8.64 -2.76 3.75
C VAL B 135 9.82 -3.60 3.29
N GLU B 136 11.03 -3.03 3.37
CA GLU B 136 12.21 -3.71 2.91
C GLU B 136 12.62 -4.78 3.92
N PRO B 137 13.36 -5.80 3.47
CA PRO B 137 13.91 -6.79 4.39
C PRO B 137 14.63 -6.12 5.54
N THR B 138 14.45 -6.68 6.74
CA THR B 138 15.04 -6.09 7.91
C THR B 138 16.54 -6.36 7.91
N CYS B 139 17.24 -5.55 8.67
CA CYS B 139 18.68 -5.62 8.85
C CYS B 139 19.01 -5.65 10.33
N PHE B 140 20.14 -6.28 10.65
CA PHE B 140 20.78 -6.17 11.96
C PHE B 140 22.04 -5.33 11.76
N VAL B 141 22.13 -4.21 12.45
CA VAL B 141 23.17 -3.21 12.22
C VAL B 141 24.03 -3.13 13.45
N ARG B 142 25.35 -3.07 13.24
CA ARG B 142 26.31 -2.82 14.32
C ARG B 142 27.13 -1.59 13.93
N ASP B 143 27.12 -0.59 14.81
CA ASP B 143 27.82 0.67 14.62
C ASP B 143 28.89 0.85 15.69
N THR B 144 29.93 1.59 15.34
CA THR B 144 30.81 2.20 16.33
C THR B 144 30.73 3.69 16.11
N LEU B 145 30.61 4.42 17.22
CA LEU B 145 30.59 5.88 17.22
C LEU B 145 31.78 6.35 18.05
N VAL B 146 32.33 7.49 17.65
CA VAL B 146 33.45 8.09 18.37
C VAL B 146 33.17 9.57 18.55
N ARG B 147 33.81 10.15 19.56
CA ARG B 147 33.63 11.56 19.89
C ARG B 147 34.76 12.35 19.26
N VAL B 148 34.41 13.38 18.50
CA VAL B 148 35.42 14.23 17.87
C VAL B 148 35.05 15.68 18.17
N SER B 149 35.97 16.43 18.78
CA SER B 149 35.66 17.76 19.27
C SER B 149 34.48 17.73 20.22
N GLY B 150 34.26 16.57 20.84
CA GLY B 150 33.22 16.46 21.82
C GLY B 150 31.91 16.00 21.22
N VAL B 151 31.89 15.72 19.92
CA VAL B 151 30.66 15.45 19.17
C VAL B 151 30.72 14.01 18.69
N LEU B 152 29.58 13.32 18.76
CA LEU B 152 29.52 11.95 18.28
C LEU B 152 29.51 11.95 16.76
N ARG B 153 30.26 11.01 16.20
CA ARG B 153 30.34 10.77 14.76
C ARG B 153 30.39 9.27 14.52
N SER B 154 29.91 8.86 13.36
CA SER B 154 29.98 7.45 12.99
C SER B 154 31.40 7.08 12.56
N ARG B 155 31.93 6.02 13.15
CA ARG B 155 33.24 5.51 12.77
C ARG B 155 33.13 4.27 11.89
N SER B 156 32.18 3.38 12.19
CA SER B 156 31.99 2.15 11.45
C SER B 156 30.52 1.77 11.46
N ARG B 157 30.07 1.19 10.35
CA ARG B 157 28.71 0.67 10.26
C ARG B 157 28.78 -0.64 9.47
N VAL B 158 28.23 -1.71 10.04
CA VAL B 158 28.20 -3.01 9.39
C VAL B 158 26.75 -3.46 9.34
N ILE B 159 26.23 -3.67 8.12
CA ILE B 159 24.83 -4.02 7.89
C ILE B 159 24.77 -5.49 7.51
N GLU B 160 23.97 -6.27 8.24
CA GLU B 160 23.67 -7.65 7.90
C GLU B 160 22.21 -7.69 7.46
N ARG B 161 21.95 -8.02 6.19
CA ARG B 161 20.58 -8.03 5.69
C ARG B 161 19.97 -9.40 5.97
N ASP B 162 18.78 -9.40 6.57
CA ASP B 162 18.21 -10.64 7.09
C ASP B 162 17.81 -11.59 5.97
N ASP B 163 17.39 -11.09 4.81
CA ASP B 163 17.07 -11.99 3.72
C ASP B 163 18.33 -12.72 3.23
N LEU B 164 19.47 -12.03 3.23
CA LEU B 164 20.71 -12.67 2.80
C LEU B 164 21.17 -13.70 3.82
N VAL B 165 20.99 -13.41 5.11
CA VAL B 165 21.34 -14.36 6.15
C VAL B 165 20.49 -15.62 6.02
N VAL B 166 19.18 -15.46 5.83
CA VAL B 166 18.29 -16.60 5.63
C VAL B 166 18.70 -17.40 4.41
N ARG B 167 18.92 -16.70 3.29
CA ARG B 167 19.37 -17.39 2.08
C ARG B 167 20.60 -18.24 2.33
N ALA B 168 21.54 -17.74 3.12
CA ALA B 168 22.78 -18.45 3.32
C ALA B 168 22.65 -19.67 4.23
N ARG B 169 21.60 -19.75 5.06
CA ARG B 169 21.36 -20.95 5.84
C ARG B 169 20.83 -22.04 4.92
N LYS C 30 21.96 21.97 22.89
CA LYS C 30 20.73 21.76 22.15
C LYS C 30 20.16 20.36 22.46
N LEU C 31 20.95 19.49 23.06
CA LEU C 31 20.46 18.16 23.40
C LEU C 31 19.48 18.26 24.58
N PRO C 32 18.40 17.50 24.57
CA PRO C 32 17.46 17.56 25.70
C PRO C 32 18.04 16.88 26.92
N SER C 33 17.65 17.35 28.11
CA SER C 33 18.07 16.64 29.33
C SER C 33 17.47 15.24 29.30
N PRO C 34 18.11 14.27 29.97
CA PRO C 34 17.50 12.92 30.01
C PRO C 34 16.12 12.92 30.66
N GLU C 35 15.93 13.76 31.68
CA GLU C 35 14.64 13.88 32.32
C GLU C 35 13.57 14.31 31.32
N LEU C 36 13.87 15.31 30.50
CA LEU C 36 12.91 15.77 29.50
C LEU C 36 12.67 14.68 28.46
N TYR C 37 13.73 14.05 27.98
CA TYR C 37 13.58 13.00 26.98
C TYR C 37 12.66 11.88 27.49
N VAL C 38 12.90 11.38 28.71
CA VAL C 38 12.03 10.36 29.29
C VAL C 38 10.58 10.86 29.37
N GLU C 39 10.39 12.10 29.85
CA GLU C 39 9.05 12.65 29.98
C GLU C 39 8.32 12.65 28.65
N VAL C 40 9.02 13.05 27.58
CA VAL C 40 8.45 13.08 26.24
C VAL C 40 8.07 11.67 25.81
N THR C 41 8.93 10.67 26.00
CA THR C 41 8.54 9.31 25.58
C THR C 41 7.26 8.88 26.28
N GLN C 42 7.11 9.24 27.56
CA GLN C 42 5.95 8.83 28.35
C GLN C 42 4.70 9.59 27.96
N PHE C 43 4.85 10.88 27.66
CA PHE C 43 3.75 11.66 27.13
C PHE C 43 3.18 11.03 25.86
N TYR C 44 4.05 10.69 24.91
CA TYR C 44 3.55 10.15 23.65
C TYR C 44 2.99 8.73 23.82
N ALA C 45 3.61 7.92 24.64
CA ALA C 45 3.08 6.57 24.87
C ALA C 45 1.66 6.64 25.39
N ARG C 46 1.43 7.47 26.38
CA ARG C 46 0.11 7.60 26.98
C ARG C 46 -0.84 8.25 26.01
N GLN C 47 -0.39 9.28 25.29
CA GLN C 47 -1.28 9.95 24.35
C GLN C 47 -1.73 8.99 23.25
N MET C 48 -0.80 8.20 22.70
CA MET C 48 -1.19 7.30 21.62
C MET C 48 -1.96 6.08 22.15
N HIS C 49 -1.64 5.57 23.35
CA HIS C 49 -2.49 4.50 23.89
C HIS C 49 -3.95 4.94 23.96
N ARG C 50 -4.18 6.20 24.37
CA ARG C 50 -5.54 6.71 24.46
C ARG C 50 -6.19 6.84 23.08
N MET C 51 -5.46 7.39 22.10
CA MET C 51 -6.03 7.55 20.78
C MET C 51 -6.36 6.21 20.17
N ASP C 52 -5.41 5.27 20.22
CA ASP C 52 -5.61 3.96 19.61
C ASP C 52 -6.66 3.13 20.35
N GLY C 53 -6.87 3.39 21.64
CA GLY C 53 -7.86 2.71 22.45
C GLY C 53 -9.22 3.35 22.49
N ASP C 54 -9.47 4.30 21.61
CA ASP C 54 -10.77 4.98 21.50
C ASP C 54 -11.10 5.83 22.72
N ASP C 55 -10.08 6.22 23.50
CA ASP C 55 -10.29 7.15 24.61
C ASP C 55 -10.09 8.55 24.04
N PHE C 56 -11.07 8.97 23.22
CA PHE C 56 -10.87 10.21 22.48
C PHE C 56 -10.92 11.41 23.41
N GLY C 57 -11.70 11.33 24.49
CA GLY C 57 -11.70 12.39 25.48
C GLY C 57 -10.37 12.52 26.21
N GLY C 58 -9.78 11.41 26.64
CA GLY C 58 -8.46 11.46 27.27
C GLY C 58 -7.36 11.89 26.31
N PHE C 59 -7.46 11.44 25.06
CA PHE C 59 -6.55 11.94 24.03
C PHE C 59 -6.65 13.46 23.93
N ALA C 60 -7.86 13.99 23.86
CA ALA C 60 -8.02 15.43 23.69
C ALA C 60 -7.52 16.21 24.89
N ALA C 61 -7.58 15.60 26.08
CA ALA C 61 -7.16 16.27 27.29
C ALA C 61 -5.65 16.53 27.30
N THR C 62 -4.90 15.83 26.46
CA THR C 62 -3.46 16.06 26.42
C THR C 62 -3.11 17.32 25.66
N PHE C 63 -4.10 17.95 25.01
CA PHE C 63 -3.88 19.18 24.26
C PHE C 63 -4.23 20.42 25.07
N VAL C 64 -3.50 21.52 24.84
CA VAL C 64 -3.89 22.80 25.50
C VAL C 64 -5.14 23.35 24.83
N ALA C 65 -5.80 24.29 25.51
CA ALA C 65 -7.09 24.81 25.02
C ALA C 65 -7.02 25.50 23.66
N GLY C 66 -5.90 26.14 23.32
CA GLY C 66 -5.77 26.80 22.04
C GLY C 66 -5.01 25.98 21.00
N ALA C 67 -4.84 24.69 21.28
CA ALA C 67 -4.00 23.84 20.44
C ALA C 67 -4.47 23.78 18.99
N GLU C 68 -3.49 23.67 18.08
CA GLU C 68 -3.75 23.60 16.65
C GLU C 68 -3.25 22.26 16.12
N PHE C 69 -4.10 21.55 15.42
CA PHE C 69 -3.81 20.24 14.86
C PHE C 69 -3.99 20.38 13.36
N ARG C 70 -2.89 20.34 12.60
CA ARG C 70 -2.92 20.54 11.16
C ARG C 70 -2.71 19.20 10.46
N LEU C 71 -3.73 18.76 9.74
CA LEU C 71 -3.72 17.51 9.01
C LEU C 71 -2.98 17.64 7.69
N GLY C 74 -4.76 19.68 4.55
CA GLY C 74 -4.36 20.92 5.19
C GLY C 74 -5.38 21.62 6.07
N THR C 75 -6.42 20.92 6.48
CA THR C 75 -7.40 21.49 7.41
C THR C 75 -6.81 21.60 8.82
N VAL C 76 -7.16 22.67 9.53
CA VAL C 76 -6.65 22.93 10.87
C VAL C 76 -7.79 22.70 11.84
N LEU C 77 -7.54 21.92 12.88
CA LEU C 77 -8.48 21.80 13.99
C LEU C 77 -7.95 22.60 15.17
N THR C 78 -8.78 23.46 15.74
CA THR C 78 -8.37 24.33 16.83
C THR C 78 -9.15 23.98 18.09
N GLY C 79 -8.41 23.67 19.17
CA GLY C 79 -9.01 23.41 20.46
C GLY C 79 -9.28 21.93 20.64
N PRO C 80 -9.31 21.49 21.89
CA PRO C 80 -9.47 20.05 22.16
C PRO C 80 -10.80 19.47 21.70
N GLU C 81 -11.92 20.20 21.77
CA GLU C 81 -13.18 19.62 21.31
C GLU C 81 -13.10 19.28 19.83
N ALA C 82 -12.52 20.19 19.02
CA ALA C 82 -12.43 19.93 17.58
C ALA C 82 -11.46 18.79 17.31
N ILE C 83 -10.39 18.72 18.09
CA ILE C 83 -9.40 17.67 17.93
C ILE C 83 -9.99 16.34 18.33
N GLU C 84 -10.78 16.32 19.43
CA GLU C 84 -11.46 15.09 19.82
C GLU C 84 -12.42 14.59 18.74
N ALA C 85 -13.28 15.48 18.23
CA ALA C 85 -14.23 15.11 17.19
C ALA C 85 -13.51 14.66 15.92
N GLY C 86 -12.41 15.32 15.59
CA GLY C 86 -11.69 14.93 14.39
C GLY C 86 -11.09 13.55 14.52
N ALA C 87 -10.53 13.24 15.70
CA ALA C 87 -9.97 11.93 15.92
C ALA C 87 -11.03 10.84 15.91
N ARG C 88 -12.18 11.10 16.54
CA ARG C 88 -13.28 10.14 16.51
C ARG C 88 -13.75 9.90 15.08
N ALA C 89 -13.91 10.97 14.31
CA ALA C 89 -14.38 10.82 12.94
C ALA C 89 -13.37 10.04 12.11
N ALA C 90 -12.09 10.39 12.26
CA ALA C 90 -11.02 9.74 11.49
C ALA C 90 -10.92 8.27 11.81
N ALA C 91 -11.20 7.88 13.05
CA ALA C 91 -11.14 6.47 13.43
C ALA C 91 -12.16 5.64 12.66
N GLY C 92 -13.18 6.27 12.10
CA GLY C 92 -14.13 5.50 11.34
C GLY C 92 -13.49 4.70 10.23
N ARG C 93 -12.36 5.19 9.71
CA ARG C 93 -11.69 4.50 8.60
C ARG C 93 -11.20 3.11 8.97
N PHE C 94 -11.11 2.79 10.27
CA PHE C 94 -10.58 1.51 10.73
C PHE C 94 -11.60 0.36 10.71
N ASP C 95 -12.89 0.64 10.56
CA ASP C 95 -13.86 -0.43 10.32
C ASP C 95 -13.96 -1.47 11.43
N GLY C 96 -13.71 -1.06 12.67
CA GLY C 96 -13.72 -2.01 13.75
C GLY C 96 -12.40 -2.74 13.96
N ALA C 97 -11.41 -2.51 13.09
CA ALA C 97 -10.08 -3.06 13.25
C ALA C 97 -9.29 -2.20 14.22
N GLN C 98 -8.12 -2.68 14.60
CA GLN C 98 -7.38 -2.05 15.69
C GLN C 98 -6.18 -1.28 15.17
N PRO C 99 -6.19 0.05 15.26
CA PRO C 99 -4.99 0.81 14.89
C PRO C 99 -3.93 0.74 15.97
N ARG C 100 -2.66 0.84 15.53
CA ARG C 100 -1.56 1.11 16.44
C ARG C 100 -0.65 2.16 15.80
N HIS C 101 -0.39 3.27 16.53
CA HIS C 101 0.49 4.33 16.04
C HIS C 101 1.92 3.95 16.43
N TRP C 102 2.83 4.10 15.49
CA TRP C 102 4.25 3.82 15.66
C TRP C 102 5.02 5.11 15.37
N PHE C 103 5.79 5.60 16.35
CA PHE C 103 6.65 6.77 16.18
C PHE C 103 8.12 6.31 16.26
N ASP C 104 8.99 7.00 15.56
CA ASP C 104 10.42 6.70 15.62
C ASP C 104 11.22 7.87 15.07
N MET C 105 12.54 7.79 15.27
CA MET C 105 13.49 8.79 14.80
C MET C 105 13.11 10.18 15.31
N MET C 106 12.91 10.31 16.63
CA MET C 106 12.34 11.54 17.20
C MET C 106 13.44 12.49 17.69
N THR C 107 13.48 13.71 17.11
CA THR C 107 14.32 14.78 17.65
C THR C 107 13.54 15.51 18.75
N VAL C 108 14.26 15.97 19.75
CA VAL C 108 13.68 16.68 20.87
C VAL C 108 14.56 17.88 21.20
N GLU C 109 13.97 19.07 21.24
CA GLU C 109 14.68 20.31 21.61
C GLU C 109 13.84 21.10 22.59
N GLU C 110 14.47 21.59 23.66
CA GLU C 110 13.79 22.42 24.66
C GLU C 110 14.27 23.86 24.58
N ALA C 111 13.31 24.78 24.52
CA ALA C 111 13.64 26.20 24.54
C ALA C 111 13.82 26.70 25.98
N ASP C 112 14.42 27.87 26.11
CA ASP C 112 14.72 28.39 27.45
C ASP C 112 13.46 28.54 28.29
N ASP C 113 12.30 28.74 27.66
CA ASP C 113 11.07 28.87 28.41
C ASP C 113 10.34 27.55 28.60
N GLY C 114 10.99 26.41 28.32
CA GLY C 114 10.38 25.13 28.52
C GLY C 114 9.58 24.59 27.34
N THR C 115 9.38 25.38 26.29
CA THR C 115 8.70 24.84 25.11
C THR C 115 9.56 23.76 24.45
N VAL C 116 8.91 22.65 24.11
CA VAL C 116 9.56 21.49 23.51
C VAL C 116 9.14 21.38 22.07
N SER C 117 10.11 21.24 21.19
CA SER C 117 9.86 20.98 19.78
C SER C 117 10.32 19.56 19.45
N THR C 118 9.47 18.78 18.80
CA THR C 118 9.87 17.47 18.37
C THR C 118 9.55 17.32 16.88
N SER C 119 10.27 16.40 16.24
CA SER C 119 10.01 15.98 14.87
C SER C 119 10.26 14.48 14.85
N TYR C 120 9.40 13.74 14.15
CA TYR C 120 9.51 12.29 14.16
C TYR C 120 8.79 11.68 12.97
N TYR C 121 9.11 10.41 12.72
CA TYR C 121 8.40 9.61 11.75
C TYR C 121 7.22 8.94 12.45
N ALA C 122 6.12 8.77 11.72
CA ALA C 122 4.94 8.07 12.25
C ALA C 122 4.27 7.24 11.16
N THR C 123 3.73 6.09 11.59
CA THR C 123 2.82 5.35 10.76
C THR C 123 1.79 4.69 11.65
N VAL C 124 0.77 4.14 11.02
CA VAL C 124 -0.30 3.42 11.71
C VAL C 124 -0.40 2.06 11.05
N THR C 125 -0.36 1.00 11.89
CA THR C 125 -0.76 -0.33 11.47
C THR C 125 -2.22 -0.56 11.84
N VAL C 126 -2.93 -1.31 11.00
CA VAL C 126 -4.34 -1.60 11.22
C VAL C 126 -4.51 -3.11 11.15
N THR C 127 -4.82 -3.72 12.29
CA THR C 127 -4.92 -5.17 12.41
C THR C 127 -6.39 -5.59 12.50
N SER C 128 -6.80 -6.47 11.59
CA SER C 128 -8.19 -6.90 11.52
C SER C 128 -8.45 -8.21 12.26
N ALA C 129 -9.74 -8.54 12.37
CA ALA C 129 -10.18 -9.81 12.96
C ALA C 129 -9.66 -11.03 12.21
N GLN C 130 -9.33 -10.89 10.93
CA GLN C 130 -8.79 -12.01 10.17
C GLN C 130 -7.27 -12.02 10.23
N GLY C 131 -6.67 -11.17 11.04
CA GLY C 131 -5.23 -11.12 11.14
C GLY C 131 -4.56 -10.36 10.02
N ALA C 132 -5.33 -9.68 9.17
CA ALA C 132 -4.75 -8.81 8.17
C ALA C 132 -4.10 -7.63 8.89
N VAL C 133 -2.96 -7.19 8.37
CA VAL C 133 -2.25 -6.02 8.85
C VAL C 133 -2.02 -5.09 7.67
N LEU C 134 -2.58 -3.89 7.73
CA LEU C 134 -2.32 -2.82 6.77
C LEU C 134 -1.33 -1.84 7.37
N VAL C 135 -0.43 -1.31 6.55
CA VAL C 135 0.46 -0.23 6.95
C VAL C 135 0.07 1.06 6.22
N GLU C 136 -0.31 2.09 6.99
CA GLU C 136 -0.72 3.35 6.38
C GLU C 136 0.49 4.17 5.91
N PRO C 137 0.28 5.09 4.95
CA PRO C 137 1.41 5.90 4.46
C PRO C 137 2.16 6.53 5.61
N THR C 138 3.49 6.56 5.51
CA THR C 138 4.25 7.18 6.58
C THR C 138 4.06 8.70 6.57
N CYS C 139 4.28 9.29 7.74
CA CYS C 139 4.17 10.72 7.96
C CYS C 139 5.42 11.24 8.62
N PHE C 140 5.71 12.51 8.36
CA PHE C 140 6.70 13.25 9.12
C PHE C 140 5.92 14.26 9.95
N VAL C 141 6.09 14.20 11.26
CA VAL C 141 5.29 14.95 12.21
C VAL C 141 6.19 15.94 12.95
N ARG C 142 5.67 17.16 13.15
CA ARG C 142 6.31 18.18 13.97
C ARG C 142 5.31 18.59 15.04
N ASP C 143 5.75 18.49 16.29
CA ASP C 143 4.95 18.87 17.44
C ASP C 143 5.62 19.99 18.22
N THR C 144 4.81 20.78 18.89
CA THR C 144 5.25 21.62 19.98
C THR C 144 4.49 21.19 21.22
N LEU C 145 5.23 21.06 22.31
CA LEU C 145 4.69 20.70 23.60
C LEU C 145 5.02 21.81 24.57
N VAL C 146 4.12 22.03 25.54
CA VAL C 146 4.32 23.06 26.55
C VAL C 146 4.04 22.43 27.90
N ARG C 147 4.59 23.03 28.94
CA ARG C 147 4.41 22.54 30.31
C ARG C 147 3.31 23.35 30.98
N VAL C 148 2.29 22.65 31.50
CA VAL C 148 1.15 23.29 32.14
C VAL C 148 0.95 22.61 33.48
N SER C 149 1.10 23.38 34.56
CA SER C 149 1.01 22.83 35.90
C SER C 149 1.86 21.58 36.05
N GLY C 150 3.08 21.66 35.54
CA GLY C 150 4.11 20.68 35.76
C GLY C 150 4.16 19.52 34.81
N VAL C 151 3.22 19.41 33.87
CA VAL C 151 3.12 18.28 32.96
C VAL C 151 3.05 18.75 31.52
N LEU C 152 3.50 17.90 30.62
CA LEU C 152 3.49 18.26 29.21
C LEU C 152 2.11 18.18 28.59
N ARG C 153 1.86 19.11 27.65
CA ARG C 153 0.64 19.15 26.85
C ARG C 153 1.00 19.46 25.41
N SER C 154 0.20 18.96 24.47
CA SER C 154 0.41 19.28 23.07
C SER C 154 -0.12 20.68 22.78
N ARG C 155 0.71 21.52 22.16
CA ARG C 155 0.27 22.84 21.71
C ARG C 155 -0.03 22.86 20.21
N SER C 156 0.80 22.20 19.42
CA SER C 156 0.59 22.16 17.98
C SER C 156 1.12 20.85 17.44
N ARG C 157 0.45 20.35 16.42
CA ARG C 157 0.84 19.13 15.74
C ARG C 157 0.64 19.40 14.26
N VAL C 158 1.68 19.16 13.45
CA VAL C 158 1.59 19.35 12.00
C VAL C 158 2.03 18.05 11.35
N ILE C 159 1.15 17.45 10.56
CA ILE C 159 1.38 16.15 9.94
C ILE C 159 1.62 16.38 8.45
N GLU C 160 2.77 15.91 7.93
CA GLU C 160 3.01 15.90 6.49
C GLU C 160 2.97 14.45 6.04
N ARG C 161 2.01 14.09 5.20
CA ARG C 161 1.87 12.70 4.79
C ARG C 161 2.79 12.43 3.60
N ASP C 162 3.59 11.36 3.68
CA ASP C 162 4.64 11.18 2.69
C ASP C 162 4.07 10.91 1.30
N ASP C 163 2.91 10.25 1.18
CA ASP C 163 2.35 10.04 -0.16
C ASP C 163 1.98 11.37 -0.81
N LEU C 164 1.45 12.30 -0.02
CA LEU C 164 1.10 13.63 -0.52
C LEU C 164 2.34 14.41 -0.92
N VAL C 165 3.42 14.27 -0.15
CA VAL C 165 4.67 14.93 -0.52
C VAL C 165 5.19 14.38 -1.82
N VAL C 166 5.18 13.06 -1.98
CA VAL C 166 5.63 12.45 -3.23
C VAL C 166 4.77 12.96 -4.40
N ARG C 167 3.46 12.99 -4.21
CA ARG C 167 2.57 13.45 -5.28
C ARG C 167 2.90 14.87 -5.69
N ALA C 168 3.18 15.73 -4.72
CA ALA C 168 3.52 17.13 -5.03
C ALA C 168 4.82 17.28 -5.79
N ARG C 169 5.73 16.32 -5.68
CA ARG C 169 6.99 16.36 -6.43
C ARG C 169 6.89 15.84 -7.85
N LYS D 30 -13.05 -3.71 -40.89
CA LYS D 30 -12.29 -2.96 -39.89
C LYS D 30 -12.77 -3.37 -38.48
N LEU D 31 -14.02 -3.13 -38.13
CA LEU D 31 -14.50 -3.52 -36.79
C LEU D 31 -14.60 -5.04 -36.72
N PRO D 32 -14.19 -5.64 -35.59
CA PRO D 32 -14.31 -7.09 -35.42
C PRO D 32 -15.76 -7.48 -35.14
N SER D 33 -16.10 -8.72 -35.51
CA SER D 33 -17.43 -9.19 -35.17
C SER D 33 -17.59 -9.22 -33.65
N PRO D 34 -18.82 -9.13 -33.13
CA PRO D 34 -18.94 -9.27 -31.67
C PRO D 34 -18.44 -10.63 -31.18
N GLU D 35 -18.61 -11.69 -31.98
CA GLU D 35 -18.11 -12.99 -31.54
C GLU D 35 -16.61 -12.96 -31.37
N LEU D 36 -15.91 -12.37 -32.34
CA LEU D 36 -14.45 -12.30 -32.24
C LEU D 36 -14.04 -11.44 -31.04
N TYR D 37 -14.69 -10.30 -30.86
CA TYR D 37 -14.36 -9.42 -29.74
C TYR D 37 -14.49 -10.17 -28.41
N VAL D 38 -15.61 -10.87 -28.21
CA VAL D 38 -15.81 -11.60 -26.98
C VAL D 38 -14.76 -12.68 -26.80
N GLU D 39 -14.47 -13.42 -27.87
CA GLU D 39 -13.49 -14.50 -27.82
C GLU D 39 -12.12 -13.96 -27.40
N VAL D 40 -11.75 -12.78 -27.91
CA VAL D 40 -10.48 -12.15 -27.53
C VAL D 40 -10.47 -11.77 -26.05
N THR D 41 -11.57 -11.20 -25.53
CA THR D 41 -11.57 -10.87 -24.09
C THR D 41 -11.41 -12.13 -23.24
N GLN D 42 -12.06 -13.21 -23.65
CA GLN D 42 -11.99 -14.45 -22.87
C GLN D 42 -10.62 -15.10 -22.99
N PHE D 43 -10.04 -15.04 -24.18
CA PHE D 43 -8.68 -15.53 -24.37
C PHE D 43 -7.71 -14.84 -23.40
N TYR D 44 -7.78 -13.50 -23.31
CA TYR D 44 -6.85 -12.77 -22.48
C TYR D 44 -7.15 -12.97 -21.00
N ALA D 45 -8.44 -13.00 -20.62
CA ALA D 45 -8.75 -13.26 -19.22
C ALA D 45 -8.14 -14.59 -18.78
N ARG D 46 -8.33 -15.65 -19.59
CA ARG D 46 -7.80 -16.96 -19.21
C ARG D 46 -6.29 -16.99 -19.22
N GLN D 47 -5.67 -16.36 -20.21
CA GLN D 47 -4.21 -16.34 -20.28
C GLN D 47 -3.59 -15.63 -19.08
N MET D 48 -4.16 -14.49 -18.66
CA MET D 48 -3.58 -13.77 -17.54
C MET D 48 -3.90 -14.46 -16.22
N HIS D 49 -5.10 -15.04 -16.09
CA HIS D 49 -5.39 -15.78 -14.87
C HIS D 49 -4.35 -16.87 -14.67
N ARG D 50 -3.98 -17.57 -15.74
CA ARG D 50 -2.98 -18.62 -15.64
C ARG D 50 -1.64 -18.03 -15.25
N MET D 51 -1.22 -16.95 -15.91
CA MET D 51 0.10 -16.41 -15.59
C MET D 51 0.14 -15.90 -14.15
N ASP D 52 -0.87 -15.12 -13.76
CA ASP D 52 -0.91 -14.56 -12.41
C ASP D 52 -1.08 -15.64 -11.36
N GLY D 53 -1.64 -16.78 -11.73
CA GLY D 53 -1.81 -17.89 -10.83
C GLY D 53 -0.67 -18.89 -10.83
N ASP D 54 0.47 -18.55 -11.45
CA ASP D 54 1.65 -19.40 -11.48
C ASP D 54 1.46 -20.68 -12.27
N ASP D 55 0.48 -20.70 -13.18
CA ASP D 55 0.31 -21.80 -14.13
C ASP D 55 1.08 -21.47 -15.39
N PHE D 56 2.40 -21.55 -15.27
CA PHE D 56 3.26 -21.04 -16.34
C PHE D 56 3.19 -21.90 -17.59
N GLY D 57 3.03 -23.22 -17.41
CA GLY D 57 2.82 -24.10 -18.55
C GLY D 57 1.50 -23.84 -19.26
N GLY D 58 0.44 -23.65 -18.48
CA GLY D 58 -0.85 -23.34 -19.07
C GLY D 58 -0.82 -22.00 -19.78
N PHE D 59 -0.11 -21.02 -19.20
CA PHE D 59 0.13 -19.76 -19.88
C PHE D 59 0.83 -19.99 -21.21
N ALA D 60 1.90 -20.77 -21.19
CA ALA D 60 2.68 -20.99 -22.41
C ALA D 60 1.88 -21.76 -23.45
N ALA D 61 0.94 -22.61 -23.02
CA ALA D 61 0.14 -23.39 -23.96
C ALA D 61 -0.79 -22.51 -24.80
N THR D 62 -1.00 -21.26 -24.38
CA THR D 62 -1.81 -20.35 -25.19
C THR D 62 -1.05 -19.79 -26.39
N PHE D 63 0.25 -20.06 -26.49
CA PHE D 63 1.07 -19.63 -27.60
C PHE D 63 1.30 -20.76 -28.60
N VAL D 64 1.40 -20.39 -29.88
CA VAL D 64 1.68 -21.39 -30.89
C VAL D 64 3.16 -21.76 -30.89
N ALA D 65 3.47 -22.89 -31.50
CA ALA D 65 4.85 -23.27 -31.71
C ALA D 65 5.54 -22.16 -32.51
N GLY D 66 6.74 -21.80 -32.09
CA GLY D 66 7.40 -20.72 -32.82
C GLY D 66 6.85 -19.33 -32.60
N ALA D 67 5.94 -19.14 -31.66
CA ALA D 67 5.50 -17.81 -31.29
C ALA D 67 6.69 -16.95 -30.84
N GLU D 68 6.61 -15.65 -31.12
CA GLU D 68 7.66 -14.68 -30.78
C GLU D 68 7.16 -13.73 -29.69
N PHE D 69 7.92 -13.63 -28.60
CA PHE D 69 7.62 -12.77 -27.45
C PHE D 69 8.78 -11.80 -27.28
N ARG D 70 8.54 -10.52 -27.55
CA ARG D 70 9.58 -9.50 -27.51
C ARG D 70 9.39 -8.64 -26.27
N LEU D 71 10.37 -8.72 -25.36
CA LEU D 71 10.32 -7.99 -24.08
C LEU D 71 10.73 -6.53 -24.22
N THR D 75 14.93 -8.26 -25.96
CA THR D 75 15.16 -9.71 -25.99
C THR D 75 13.92 -10.46 -26.49
N VAL D 76 14.13 -11.45 -27.35
CA VAL D 76 13.04 -12.22 -27.95
C VAL D 76 13.06 -13.63 -27.39
N LEU D 77 11.89 -14.11 -26.98
CA LEU D 77 11.67 -15.51 -26.63
C LEU D 77 10.89 -16.18 -27.74
N THR D 78 11.37 -17.32 -28.23
CA THR D 78 10.71 -18.02 -29.32
C THR D 78 10.23 -19.39 -28.83
N GLY D 79 8.94 -19.64 -28.97
CA GLY D 79 8.38 -20.94 -28.66
C GLY D 79 7.83 -21.01 -27.24
N PRO D 80 6.87 -21.90 -27.03
CA PRO D 80 6.26 -22.00 -25.69
C PRO D 80 7.26 -22.36 -24.61
N GLU D 81 8.23 -23.22 -24.90
CA GLU D 81 9.16 -23.58 -23.83
C GLU D 81 9.91 -22.35 -23.32
N ALA D 82 10.44 -21.53 -24.23
CA ALA D 82 11.19 -20.35 -23.81
C ALA D 82 10.26 -19.35 -23.13
N ILE D 83 9.04 -19.22 -23.63
CA ILE D 83 8.10 -18.27 -23.05
C ILE D 83 7.73 -18.70 -21.63
N GLU D 84 7.55 -20.00 -21.42
CA GLU D 84 7.28 -20.48 -20.06
C GLU D 84 8.44 -20.17 -19.13
N ALA D 85 9.66 -20.49 -19.55
CA ALA D 85 10.83 -20.29 -18.70
C ALA D 85 11.02 -18.82 -18.38
N GLY D 86 10.82 -17.95 -19.38
CA GLY D 86 10.96 -16.52 -19.15
C GLY D 86 9.88 -15.98 -18.23
N ALA D 87 8.65 -16.47 -18.37
CA ALA D 87 7.59 -16.02 -17.49
C ALA D 87 7.85 -16.44 -16.05
N ARG D 88 8.32 -17.68 -15.85
CA ARG D 88 8.65 -18.15 -14.52
C ARG D 88 9.75 -17.30 -13.91
N ALA D 89 10.77 -17.00 -14.71
CA ALA D 89 11.87 -16.17 -14.23
C ALA D 89 11.39 -14.77 -13.88
N ALA D 90 10.61 -14.15 -14.77
CA ALA D 90 10.14 -12.80 -14.52
C ALA D 90 9.30 -12.73 -13.25
N ALA D 91 8.55 -13.79 -12.96
CA ALA D 91 7.71 -13.80 -11.77
C ALA D 91 8.53 -13.71 -10.48
N GLY D 92 9.81 -14.05 -10.52
CA GLY D 92 10.64 -13.95 -9.34
C GLY D 92 10.69 -12.55 -8.74
N ARG D 93 10.51 -11.53 -9.57
CA ARG D 93 10.53 -10.15 -9.09
C ARG D 93 9.41 -9.86 -8.10
N PHE D 94 8.38 -10.70 -8.05
CA PHE D 94 7.26 -10.41 -7.16
C PHE D 94 7.54 -10.80 -5.71
N ASP D 95 8.48 -11.71 -5.48
CA ASP D 95 9.01 -11.95 -4.13
C ASP D 95 7.93 -12.33 -3.11
N GLY D 96 7.13 -13.33 -3.43
CA GLY D 96 6.14 -13.73 -2.46
C GLY D 96 4.86 -12.92 -2.46
N ALA D 97 4.72 -11.97 -3.37
CA ALA D 97 3.52 -11.15 -3.48
C ALA D 97 2.66 -11.61 -4.65
N GLN D 98 1.44 -11.04 -4.73
CA GLN D 98 0.48 -11.53 -5.71
C GLN D 98 0.36 -10.54 -6.87
N PRO D 99 0.81 -10.90 -8.07
CA PRO D 99 0.58 -10.02 -9.23
C PRO D 99 -0.81 -10.15 -9.83
N ARG D 100 -1.27 -9.05 -10.41
CA ARG D 100 -2.47 -9.05 -11.25
C ARG D 100 -2.21 -8.17 -12.46
N HIS D 101 -2.41 -8.73 -13.66
CA HIS D 101 -2.25 -8.00 -14.93
C HIS D 101 -3.58 -7.34 -15.25
N TRP D 102 -3.52 -6.08 -15.66
CA TRP D 102 -4.68 -5.28 -16.02
C TRP D 102 -4.46 -4.83 -17.46
N PHE D 103 -5.41 -5.15 -18.36
CA PHE D 103 -5.42 -4.66 -19.74
C PHE D 103 -6.56 -3.67 -19.94
N ASP D 104 -6.36 -2.71 -20.82
CA ASP D 104 -7.44 -1.78 -21.14
C ASP D 104 -7.14 -1.09 -22.45
N MET D 105 -8.14 -0.39 -22.98
CA MET D 105 -7.99 0.41 -24.22
C MET D 105 -7.54 -0.48 -25.36
N MET D 106 -8.25 -1.59 -25.57
CA MET D 106 -7.81 -2.63 -26.49
C MET D 106 -8.46 -2.49 -27.86
N THR D 107 -7.62 -2.33 -28.89
CA THR D 107 -8.06 -2.39 -30.27
C THR D 107 -8.01 -3.85 -30.71
N VAL D 108 -8.98 -4.23 -31.54
CA VAL D 108 -9.09 -5.59 -32.05
C VAL D 108 -9.45 -5.50 -33.54
N GLU D 109 -8.62 -6.09 -34.39
CA GLU D 109 -8.95 -6.10 -35.81
C GLU D 109 -8.55 -7.43 -36.43
N GLU D 110 -9.40 -7.92 -37.32
CA GLU D 110 -9.14 -9.14 -38.07
C GLU D 110 -8.63 -8.78 -39.48
N ALA D 111 -7.48 -9.34 -39.83
CA ALA D 111 -6.92 -9.13 -41.15
C ALA D 111 -7.57 -10.06 -42.17
N ASP D 112 -7.35 -9.74 -43.45
CA ASP D 112 -7.97 -10.55 -44.52
C ASP D 112 -7.52 -11.99 -44.48
N ASP D 113 -6.33 -12.26 -43.92
CA ASP D 113 -5.78 -13.61 -43.86
C ASP D 113 -6.10 -14.32 -42.56
N GLY D 114 -7.06 -13.82 -41.78
CA GLY D 114 -7.49 -14.46 -40.56
C GLY D 114 -6.69 -14.11 -39.33
N THR D 115 -5.57 -13.40 -39.48
CA THR D 115 -4.78 -12.95 -38.35
C THR D 115 -5.52 -11.86 -37.58
N VAL D 116 -5.47 -11.93 -36.26
CA VAL D 116 -6.10 -10.94 -35.41
C VAL D 116 -4.98 -10.12 -34.76
N SER D 117 -5.06 -8.79 -34.91
CA SER D 117 -4.12 -7.85 -34.33
C SER D 117 -4.79 -7.09 -33.20
N THR D 118 -4.13 -7.01 -32.05
CA THR D 118 -4.61 -6.20 -30.94
C THR D 118 -3.53 -5.25 -30.48
N SER D 119 -3.94 -4.14 -29.86
CA SER D 119 -3.03 -3.26 -29.18
C SER D 119 -3.74 -2.82 -27.92
N TYR D 120 -3.02 -2.75 -26.81
CA TYR D 120 -3.67 -2.39 -25.57
C TYR D 120 -2.66 -1.83 -24.57
N TYR D 121 -3.21 -1.22 -23.53
CA TYR D 121 -2.45 -0.81 -22.38
C TYR D 121 -2.44 -1.94 -21.36
N ALA D 122 -1.32 -2.08 -20.65
CA ALA D 122 -1.17 -3.10 -19.62
C ALA D 122 -0.37 -2.55 -18.46
N THR D 123 -0.70 -2.98 -17.26
CA THR D 123 0.16 -2.77 -16.10
C THR D 123 -0.03 -4.00 -15.22
N VAL D 124 0.83 -4.10 -14.21
CA VAL D 124 0.79 -5.17 -13.23
C VAL D 124 0.70 -4.51 -11.86
N THR D 125 -0.28 -4.90 -11.07
CA THR D 125 -0.28 -4.57 -9.66
C THR D 125 0.34 -5.73 -8.90
N VAL D 126 1.04 -5.43 -7.81
CA VAL D 126 1.70 -6.45 -7.00
C VAL D 126 1.30 -6.19 -5.55
N THR D 127 0.50 -7.08 -4.97
CA THR D 127 -0.07 -6.88 -3.64
C THR D 127 0.69 -7.71 -2.62
N SER D 128 1.16 -7.04 -1.57
CA SER D 128 1.98 -7.65 -0.55
C SER D 128 1.11 -8.27 0.55
N ALA D 129 1.76 -8.95 1.47
CA ALA D 129 1.09 -9.54 2.62
C ALA D 129 0.38 -8.51 3.48
N GLN D 130 0.82 -7.24 3.40
CA GLN D 130 0.19 -6.14 4.13
C GLN D 130 -0.80 -5.38 3.26
N GLY D 131 -1.08 -5.86 2.05
CA GLY D 131 -2.01 -5.15 1.22
C GLY D 131 -1.47 -3.92 0.55
N ALA D 132 -0.16 -3.71 0.59
CA ALA D 132 0.43 -2.64 -0.19
C ALA D 132 0.39 -3.02 -1.67
N VAL D 133 -0.02 -2.09 -2.51
CA VAL D 133 -0.14 -2.40 -3.93
C VAL D 133 0.91 -1.60 -4.68
N LEU D 134 1.87 -2.31 -5.24
CA LEU D 134 2.84 -1.72 -6.15
C LEU D 134 2.17 -1.67 -7.51
N VAL D 135 2.32 -0.54 -8.21
CA VAL D 135 1.84 -0.39 -9.60
C VAL D 135 3.07 -0.29 -10.49
N GLU D 136 3.25 -1.25 -11.37
CA GLU D 136 4.41 -1.26 -12.23
C GLU D 136 4.26 -0.27 -13.38
N PRO D 137 5.37 0.19 -13.94
CA PRO D 137 5.27 1.04 -15.13
C PRO D 137 4.36 0.44 -16.18
N THR D 138 3.56 1.31 -16.81
CA THR D 138 2.65 0.83 -17.81
C THR D 138 3.40 0.44 -19.09
N CYS D 139 2.70 -0.36 -19.90
CA CYS D 139 3.19 -0.85 -21.17
C CYS D 139 2.16 -0.58 -22.26
N PHE D 140 2.65 -0.43 -23.48
CA PHE D 140 1.83 -0.49 -24.69
C PHE D 140 2.16 -1.81 -25.36
N VAL D 141 1.16 -2.66 -25.54
CA VAL D 141 1.36 -4.04 -26.02
C VAL D 141 0.72 -4.19 -27.38
N ARG D 142 1.42 -4.85 -28.29
CA ARG D 142 0.89 -5.23 -29.60
C ARG D 142 1.00 -6.75 -29.77
N ASP D 143 -0.14 -7.38 -30.01
CA ASP D 143 -0.26 -8.82 -30.15
C ASP D 143 -0.77 -9.17 -31.54
N THR D 144 -0.34 -10.33 -32.04
CA THR D 144 -1.08 -10.97 -33.13
C THR D 144 -1.52 -12.32 -32.61
N LEU D 145 -2.77 -12.68 -32.92
CA LEU D 145 -3.40 -13.94 -32.57
C LEU D 145 -3.77 -14.66 -33.86
N VAL D 146 -3.71 -15.98 -33.82
CA VAL D 146 -4.05 -16.79 -34.97
C VAL D 146 -4.94 -17.92 -34.47
N ARG D 147 -5.71 -18.46 -35.38
CA ARG D 147 -6.63 -19.55 -35.08
C ARG D 147 -5.95 -20.87 -35.45
N VAL D 148 -5.96 -21.81 -34.50
CA VAL D 148 -5.37 -23.13 -34.68
C VAL D 148 -6.42 -24.14 -34.27
N SER D 149 -6.81 -25.01 -35.21
CA SER D 149 -7.92 -25.92 -34.96
C SER D 149 -9.11 -25.13 -34.41
N GLY D 150 -9.35 -23.97 -35.00
CA GLY D 150 -10.48 -23.16 -34.63
C GLY D 150 -10.32 -22.36 -33.36
N VAL D 151 -9.16 -22.43 -32.71
CA VAL D 151 -8.95 -21.86 -31.39
C VAL D 151 -7.94 -20.74 -31.50
N LEU D 152 -8.18 -19.64 -30.78
CA LEU D 152 -7.25 -18.53 -30.81
C LEU D 152 -6.03 -18.89 -29.98
N ARG D 153 -4.87 -18.53 -30.50
CA ARG D 153 -3.58 -18.70 -29.82
C ARG D 153 -2.76 -17.47 -30.13
N SER D 154 -1.82 -17.14 -29.21
CA SER D 154 -0.91 -16.04 -29.42
C SER D 154 0.17 -16.45 -30.41
N ARG D 155 0.39 -15.62 -31.43
CA ARG D 155 1.50 -15.82 -32.36
C ARG D 155 2.67 -14.89 -32.04
N SER D 156 2.38 -13.65 -31.68
CA SER D 156 3.44 -12.70 -31.39
C SER D 156 2.96 -11.70 -30.35
N ARG D 157 3.90 -11.30 -29.49
CA ARG D 157 3.64 -10.28 -28.48
C ARG D 157 4.85 -9.37 -28.41
N VAL D 158 4.62 -8.06 -28.51
CA VAL D 158 5.68 -7.06 -28.43
C VAL D 158 5.32 -6.07 -27.34
N ILE D 159 6.17 -5.95 -26.32
CA ILE D 159 5.89 -5.11 -25.17
C ILE D 159 6.78 -3.88 -25.27
N GLU D 160 6.17 -2.70 -25.22
CA GLU D 160 6.86 -1.42 -25.12
C GLU D 160 6.61 -0.89 -23.71
N ARG D 161 7.66 -0.79 -22.89
CA ARG D 161 7.50 -0.33 -21.52
C ARG D 161 7.64 1.18 -21.48
N ASP D 162 6.65 1.82 -20.86
CA ASP D 162 6.51 3.27 -20.95
C ASP D 162 7.66 4.00 -20.27
N ASP D 163 8.22 3.44 -19.18
CA ASP D 163 9.34 4.15 -18.55
C ASP D 163 10.55 4.16 -19.47
N LEU D 164 10.76 3.07 -20.21
CA LEU D 164 11.88 3.01 -21.16
C LEU D 164 11.68 3.94 -22.34
N VAL D 165 10.44 4.07 -22.83
CA VAL D 165 10.17 5.02 -23.90
C VAL D 165 10.47 6.45 -23.42
N VAL D 166 9.98 6.79 -22.23
CA VAL D 166 10.24 8.11 -21.65
C VAL D 166 11.74 8.34 -21.53
N ARG D 167 12.46 7.35 -20.97
CA ARG D 167 13.89 7.53 -20.78
C ARG D 167 14.56 7.83 -22.12
N ALA D 168 14.08 7.21 -23.19
CA ALA D 168 14.75 7.30 -24.48
C ALA D 168 14.51 8.62 -25.19
N ARG D 169 13.51 9.39 -24.76
CA ARG D 169 13.14 10.62 -25.44
C ARG D 169 13.44 11.86 -24.63
N LYS E 30 -32.29 0.34 -21.78
CA LYS E 30 -32.23 -0.55 -22.95
C LYS E 30 -30.77 -0.98 -23.23
N LEU E 31 -30.56 -2.28 -23.37
CA LEU E 31 -29.21 -2.77 -23.61
C LEU E 31 -28.75 -2.42 -25.03
N PRO E 32 -27.48 -2.04 -25.21
CA PRO E 32 -26.98 -1.79 -26.55
C PRO E 32 -26.80 -3.11 -27.32
N SER E 33 -26.94 -3.03 -28.64
CA SER E 33 -26.63 -4.20 -29.46
C SER E 33 -25.15 -4.56 -29.28
N PRO E 34 -24.79 -5.83 -29.47
CA PRO E 34 -23.36 -6.17 -29.36
C PRO E 34 -22.50 -5.41 -30.38
N GLU E 35 -23.03 -5.18 -31.59
CA GLU E 35 -22.28 -4.41 -32.58
C GLU E 35 -21.99 -3.00 -32.08
N LEU E 36 -23.00 -2.35 -31.49
CA LEU E 36 -22.77 -1.00 -30.97
C LEU E 36 -21.76 -1.03 -29.84
N TYR E 37 -21.89 -1.99 -28.92
CA TYR E 37 -20.96 -2.05 -27.80
C TYR E 37 -19.53 -2.20 -28.30
N VAL E 38 -19.31 -3.12 -29.24
CA VAL E 38 -17.97 -3.31 -29.77
C VAL E 38 -17.48 -2.02 -30.43
N GLU E 39 -18.35 -1.38 -31.21
CA GLU E 39 -17.95 -0.15 -31.88
C GLU E 39 -17.51 0.91 -30.89
N VAL E 40 -18.25 1.04 -29.78
CA VAL E 40 -17.91 2.00 -28.72
C VAL E 40 -16.55 1.66 -28.08
N THR E 41 -16.28 0.38 -27.81
CA THR E 41 -14.98 0.07 -27.21
C THR E 41 -13.86 0.48 -28.15
N GLN E 42 -14.07 0.27 -29.45
CA GLN E 42 -13.01 0.57 -30.41
C GLN E 42 -12.85 2.08 -30.59
N PHE E 43 -13.97 2.82 -30.55
CA PHE E 43 -13.88 4.26 -30.59
C PHE E 43 -13.00 4.80 -29.47
N TYR E 44 -13.27 4.37 -28.24
CA TYR E 44 -12.54 4.92 -27.10
C TYR E 44 -11.09 4.47 -27.08
N ALA E 45 -10.82 3.22 -27.47
CA ALA E 45 -9.43 2.77 -27.51
C ALA E 45 -8.61 3.63 -28.46
N ARG E 46 -9.14 3.88 -29.65
CA ARG E 46 -8.43 4.67 -30.64
C ARG E 46 -8.33 6.12 -30.21
N GLN E 47 -9.40 6.67 -29.65
CA GLN E 47 -9.38 8.05 -29.21
C GLN E 47 -8.33 8.27 -28.13
N MET E 48 -8.28 7.38 -27.14
CA MET E 48 -7.32 7.58 -26.05
C MET E 48 -5.91 7.25 -26.48
N HIS E 49 -5.71 6.28 -27.38
CA HIS E 49 -4.36 6.04 -27.89
C HIS E 49 -3.79 7.32 -28.51
N ARG E 50 -4.62 8.06 -29.26
CA ARG E 50 -4.16 9.30 -29.88
C ARG E 50 -3.83 10.34 -28.83
N MET E 51 -4.73 10.55 -27.86
CA MET E 51 -4.45 11.55 -26.85
C MET E 51 -3.19 11.21 -26.06
N ASP E 52 -3.06 9.96 -25.62
CA ASP E 52 -1.91 9.56 -24.82
C ASP E 52 -0.63 9.55 -25.64
N GLY E 53 -0.73 9.39 -26.96
CA GLY E 53 0.41 9.35 -27.83
C GLY E 53 0.79 10.70 -28.39
N ASP E 54 0.18 11.77 -27.87
CA ASP E 54 0.44 13.15 -28.23
C ASP E 54 -0.04 13.50 -29.64
N ASP E 55 -0.99 12.74 -30.19
CA ASP E 55 -1.63 13.07 -31.47
C ASP E 55 -2.85 13.94 -31.18
N PHE E 56 -2.57 15.18 -30.79
CA PHE E 56 -3.63 16.03 -30.27
C PHE E 56 -4.62 16.41 -31.35
N GLY E 57 -4.15 16.61 -32.58
CA GLY E 57 -5.05 16.88 -33.68
C GLY E 57 -5.92 15.71 -34.02
N GLY E 58 -5.32 14.51 -34.06
CA GLY E 58 -6.10 13.30 -34.30
C GLY E 58 -7.09 13.04 -33.20
N PHE E 59 -6.70 13.30 -31.95
CA PHE E 59 -7.65 13.25 -30.85
C PHE E 59 -8.82 14.21 -31.09
N ALA E 60 -8.51 15.48 -31.41
CA ALA E 60 -9.58 16.46 -31.55
C ALA E 60 -10.48 16.15 -32.73
N ALA E 61 -9.93 15.49 -33.74
CA ALA E 61 -10.70 15.11 -34.93
C ALA E 61 -11.76 14.07 -34.61
N THR E 62 -11.68 13.39 -33.45
CA THR E 62 -12.76 12.49 -33.10
C THR E 62 -13.98 13.23 -32.58
N PHE E 63 -13.91 14.55 -32.38
CA PHE E 63 -15.03 15.37 -31.94
C PHE E 63 -15.67 16.10 -33.11
N VAL E 64 -17.00 16.27 -33.04
CA VAL E 64 -17.72 17.01 -34.08
C VAL E 64 -17.56 18.52 -33.87
N ALA E 65 -17.85 19.28 -34.94
CA ALA E 65 -17.85 20.73 -34.83
C ALA E 65 -18.79 21.12 -33.70
N GLY E 66 -18.33 22.02 -32.84
CA GLY E 66 -19.11 22.48 -31.72
C GLY E 66 -19.25 21.51 -30.57
N ALA E 67 -18.50 20.41 -30.57
CA ALA E 67 -18.60 19.46 -29.46
C ALA E 67 -18.25 20.17 -28.17
N GLU E 68 -18.91 19.80 -27.08
CA GLU E 68 -18.71 20.43 -25.78
C GLU E 68 -17.92 19.49 -24.89
N PHE E 69 -16.77 19.97 -24.39
CA PHE E 69 -15.88 19.25 -23.50
C PHE E 69 -15.81 20.06 -22.22
N ARG E 70 -16.46 19.59 -21.16
CA ARG E 70 -16.50 20.33 -19.90
C ARG E 70 -15.66 19.62 -18.84
N LEU E 71 -14.64 20.32 -18.35
CA LEU E 71 -13.74 19.77 -17.32
C LEU E 71 -14.45 19.91 -15.98
N THR E 75 -15.53 24.55 -16.52
CA THR E 75 -14.93 25.20 -17.70
C THR E 75 -15.13 24.35 -18.95
N VAL E 76 -15.57 24.98 -20.03
CA VAL E 76 -15.93 24.32 -21.28
C VAL E 76 -14.96 24.65 -22.39
N LEU E 77 -14.61 23.63 -23.17
CA LEU E 77 -13.98 23.80 -24.48
C LEU E 77 -15.01 23.41 -25.53
N THR E 78 -15.22 24.26 -26.53
CA THR E 78 -16.21 23.96 -27.57
C THR E 78 -15.54 23.82 -28.92
N GLY E 79 -15.70 22.65 -29.54
CA GLY E 79 -15.17 22.45 -30.88
C GLY E 79 -13.77 21.89 -30.88
N PRO E 80 -13.41 21.20 -31.97
CA PRO E 80 -12.12 20.49 -31.98
C PRO E 80 -10.90 21.39 -31.79
N GLU E 81 -10.91 22.60 -32.33
CA GLU E 81 -9.74 23.46 -32.17
C GLU E 81 -9.47 23.73 -30.70
N ALA E 82 -10.51 24.09 -29.95
CA ALA E 82 -10.35 24.35 -28.53
C ALA E 82 -9.99 23.07 -27.77
N ILE E 83 -10.59 21.95 -28.16
CA ILE E 83 -10.32 20.66 -27.49
C ILE E 83 -8.88 20.22 -27.75
N GLU E 84 -8.39 20.44 -28.98
CA GLU E 84 -6.98 20.14 -29.27
C GLU E 84 -6.06 20.99 -28.39
N ALA E 85 -6.34 22.29 -28.32
CA ALA E 85 -5.48 23.17 -27.53
C ALA E 85 -5.49 22.74 -26.06
N GLY E 86 -6.65 22.35 -25.54
CA GLY E 86 -6.72 21.92 -24.16
C GLY E 86 -5.96 20.63 -23.89
N ALA E 87 -6.05 19.66 -24.80
CA ALA E 87 -5.29 18.44 -24.61
C ALA E 87 -3.80 18.71 -24.66
N ARG E 88 -3.36 19.56 -25.59
CA ARG E 88 -1.95 19.92 -25.64
C ARG E 88 -1.54 20.57 -24.32
N ALA E 89 -2.37 21.48 -23.81
CA ALA E 89 -2.06 22.17 -22.57
C ALA E 89 -2.04 21.23 -21.38
N ALA E 90 -3.10 20.42 -21.22
CA ALA E 90 -3.17 19.52 -20.08
C ALA E 90 -2.04 18.51 -20.11
N ALA E 91 -1.60 18.13 -21.31
CA ALA E 91 -0.46 17.22 -21.41
C ALA E 91 0.80 17.84 -20.84
N GLY E 92 0.88 19.18 -20.81
CA GLY E 92 2.04 19.84 -20.25
C GLY E 92 2.32 19.44 -18.82
N ARG E 93 1.27 19.06 -18.08
CA ARG E 93 1.39 18.65 -16.69
C ARG E 93 2.21 17.38 -16.53
N PHE E 94 2.31 16.59 -17.57
CA PHE E 94 3.06 15.33 -17.51
C PHE E 94 4.54 15.54 -17.77
N ASP E 95 4.95 16.70 -18.26
CA ASP E 95 6.37 16.97 -18.53
C ASP E 95 6.70 15.96 -19.61
N GLY E 96 7.79 15.22 -19.51
CA GLY E 96 8.07 14.20 -20.47
C GLY E 96 7.58 12.81 -20.10
N ALA E 97 6.87 12.67 -18.99
CA ALA E 97 6.44 11.35 -18.57
C ALA E 97 5.29 10.87 -19.46
N GLN E 98 4.92 9.60 -19.31
CA GLN E 98 3.96 8.98 -20.21
C GLN E 98 2.60 8.76 -19.55
N PRO E 99 1.57 9.48 -19.97
CA PRO E 99 0.22 9.21 -19.46
C PRO E 99 -0.42 8.02 -20.17
N ARG E 100 -1.29 7.33 -19.42
CA ARG E 100 -2.19 6.33 -20.01
C ARG E 100 -3.57 6.50 -19.36
N HIS E 101 -4.60 6.63 -20.19
CA HIS E 101 -5.97 6.73 -19.71
C HIS E 101 -6.57 5.34 -19.55
N TRP E 102 -7.29 5.13 -18.44
CA TRP E 102 -7.93 3.87 -18.10
C TRP E 102 -9.41 4.16 -17.92
N PHE E 103 -10.25 3.50 -18.68
CA PHE E 103 -11.70 3.63 -18.55
C PHE E 103 -12.22 2.29 -18.00
N ASP E 104 -13.32 2.33 -17.25
CA ASP E 104 -13.95 1.10 -16.79
C ASP E 104 -15.38 1.39 -16.31
N MET E 105 -16.13 0.30 -16.08
CA MET E 105 -17.51 0.39 -15.60
C MET E 105 -18.37 1.28 -16.54
N MET E 106 -18.34 0.98 -17.82
CA MET E 106 -18.94 1.86 -18.81
C MET E 106 -20.35 1.40 -19.18
N THR E 107 -21.33 2.27 -18.95
CA THR E 107 -22.67 2.05 -19.45
C THR E 107 -22.75 2.58 -20.87
N VAL E 108 -23.53 1.92 -21.71
CA VAL E 108 -23.73 2.29 -23.11
C VAL E 108 -25.20 2.17 -23.43
N GLU E 109 -25.81 3.25 -23.94
CA GLU E 109 -27.22 3.24 -24.28
C GLU E 109 -27.40 3.97 -25.59
N GLU E 110 -28.25 3.44 -26.46
CA GLU E 110 -28.57 4.10 -27.72
C GLU E 110 -29.96 4.70 -27.66
N ALA E 111 -30.07 6.00 -27.98
CA ALA E 111 -31.39 6.61 -28.10
C ALA E 111 -31.98 6.36 -29.47
N ASP E 112 -33.29 6.56 -29.60
CA ASP E 112 -33.94 6.30 -30.88
C ASP E 112 -33.38 7.18 -31.99
N ASP E 113 -32.87 8.37 -31.66
CA ASP E 113 -32.32 9.25 -32.70
C ASP E 113 -30.87 8.91 -33.01
N GLY E 114 -30.37 7.76 -32.54
CA GLY E 114 -29.04 7.29 -32.83
C GLY E 114 -27.96 7.79 -31.91
N THR E 115 -28.28 8.76 -31.06
CA THR E 115 -27.29 9.25 -30.13
C THR E 115 -26.93 8.19 -29.11
N VAL E 116 -25.64 8.04 -28.81
CA VAL E 116 -25.15 7.06 -27.83
C VAL E 116 -24.73 7.82 -26.58
N SER E 117 -25.22 7.38 -25.43
CA SER E 117 -24.88 7.95 -24.14
C SER E 117 -24.04 6.92 -23.38
N THR E 118 -22.89 7.35 -22.86
CA THR E 118 -22.07 6.50 -22.02
C THR E 118 -21.78 7.20 -20.70
N SER E 119 -21.50 6.43 -19.69
CA SER E 119 -21.00 6.95 -18.43
C SER E 119 -19.95 5.94 -17.97
N TYR E 120 -18.87 6.44 -17.40
CA TYR E 120 -17.79 5.54 -17.02
C TYR E 120 -16.87 6.19 -16.00
N TYR E 121 -16.03 5.33 -15.41
CA TYR E 121 -14.92 5.71 -14.56
C TYR E 121 -13.68 5.94 -15.40
N ALA E 122 -12.87 6.93 -15.03
CA ALA E 122 -11.62 7.15 -15.75
C ALA E 122 -10.57 7.61 -14.75
N THR E 123 -9.34 7.20 -15.03
CA THR E 123 -8.17 7.76 -14.38
C THR E 123 -7.05 7.78 -15.40
N VAL E 124 -5.95 8.42 -15.02
CA VAL E 124 -4.74 8.48 -15.82
C VAL E 124 -3.61 8.01 -14.93
N THR E 125 -2.82 7.06 -15.42
CA THR E 125 -1.54 6.75 -14.80
C THR E 125 -0.46 7.54 -15.49
N VAL E 126 0.54 7.95 -14.73
CA VAL E 126 1.66 8.72 -15.28
C VAL E 126 2.94 8.00 -14.88
N THR E 127 3.68 7.50 -15.88
CA THR E 127 4.89 6.72 -15.69
C THR E 127 6.09 7.56 -16.04
N SER E 128 7.03 7.67 -15.09
CA SER E 128 8.22 8.49 -15.22
C SER E 128 9.39 7.68 -15.79
N ALA E 129 10.45 8.40 -16.14
CA ALA E 129 11.62 7.72 -16.70
C ALA E 129 12.22 6.70 -15.72
N GLN E 130 12.03 6.90 -14.42
CA GLN E 130 12.58 6.01 -13.42
C GLN E 130 11.62 4.89 -13.06
N GLY E 131 10.51 4.79 -13.77
CA GLY E 131 9.53 3.76 -13.53
C GLY E 131 8.54 4.00 -12.41
N ALA E 132 8.52 5.19 -11.81
CA ALA E 132 7.48 5.53 -10.85
C ALA E 132 6.15 5.75 -11.57
N VAL E 133 5.05 5.36 -10.91
CA VAL E 133 3.70 5.51 -11.44
C VAL E 133 2.88 6.38 -10.49
N LEU E 134 2.36 7.48 -11.01
CA LEU E 134 1.36 8.26 -10.31
C LEU E 134 -0.02 7.94 -10.85
N VAL E 135 -0.98 7.75 -9.97
CA VAL E 135 -2.37 7.54 -10.36
C VAL E 135 -3.12 8.81 -10.04
N GLU E 136 -3.73 9.43 -11.05
CA GLU E 136 -4.44 10.68 -10.85
C GLU E 136 -5.78 10.44 -10.19
N PRO E 137 -6.34 11.45 -9.53
CA PRO E 137 -7.70 11.33 -8.99
C PRO E 137 -8.68 10.83 -10.04
N THR E 138 -9.58 9.96 -9.63
CA THR E 138 -10.51 9.38 -10.57
C THR E 138 -11.58 10.40 -10.98
N CYS E 139 -12.20 10.12 -12.13
CA CYS E 139 -13.27 10.94 -12.67
C CYS E 139 -14.47 10.04 -12.97
N PHE E 140 -15.64 10.64 -12.91
CA PHE E 140 -16.86 10.03 -13.43
C PHE E 140 -17.20 10.82 -14.68
N VAL E 141 -17.28 10.14 -15.84
CA VAL E 141 -17.38 10.80 -17.13
C VAL E 141 -18.73 10.47 -17.76
N ARG E 142 -19.36 11.46 -18.36
CA ARG E 142 -20.58 11.25 -19.13
C ARG E 142 -20.35 11.78 -20.53
N ASP E 143 -20.53 10.90 -21.51
CA ASP E 143 -20.33 11.22 -22.92
C ASP E 143 -21.63 11.07 -23.70
N THR E 144 -21.75 11.85 -24.78
CA THR E 144 -22.65 11.53 -25.87
C THR E 144 -21.81 11.39 -27.14
N LEU E 145 -22.14 10.37 -27.93
CA LEU E 145 -21.51 10.09 -29.21
C LEU E 145 -22.58 10.16 -30.30
N VAL E 146 -22.17 10.57 -31.50
CA VAL E 146 -23.07 10.62 -32.63
C VAL E 146 -22.36 9.97 -33.81
N ARG E 147 -23.15 9.49 -34.74
CA ARG E 147 -22.64 8.83 -35.92
C ARG E 147 -22.58 9.84 -37.04
N VAL E 148 -21.40 10.01 -37.63
CA VAL E 148 -21.24 10.93 -38.75
C VAL E 148 -20.54 10.21 -39.88
N SER E 149 -21.20 10.11 -41.03
CA SER E 149 -20.70 9.33 -42.16
C SER E 149 -20.38 7.91 -41.70
N GLY E 150 -21.27 7.35 -40.91
CA GLY E 150 -21.18 5.95 -40.52
C GLY E 150 -20.25 5.64 -39.37
N VAL E 151 -19.56 6.63 -38.80
CA VAL E 151 -18.56 6.39 -37.77
C VAL E 151 -18.91 7.22 -36.54
N LEU E 152 -18.56 6.70 -35.36
CA LEU E 152 -18.82 7.44 -34.13
C LEU E 152 -17.90 8.63 -33.97
N ARG E 153 -18.44 9.71 -33.42
CA ARG E 153 -17.68 10.88 -33.06
C ARG E 153 -18.19 11.37 -31.70
N SER E 154 -17.32 12.04 -30.97
CA SER E 154 -17.72 12.65 -29.70
C SER E 154 -18.53 13.92 -29.93
N ARG E 155 -19.68 14.00 -29.28
CA ARG E 155 -20.52 15.19 -29.29
C ARG E 155 -20.39 16.00 -28.01
N SER E 156 -20.31 15.34 -26.87
CA SER E 156 -20.22 15.98 -25.58
C SER E 156 -19.45 15.09 -24.61
N ARG E 157 -18.67 15.73 -23.75
CA ARG E 157 -17.93 15.04 -22.70
C ARG E 157 -18.00 15.89 -21.44
N VAL E 158 -18.47 15.31 -20.35
CA VAL E 158 -18.57 16.05 -19.09
C VAL E 158 -17.82 15.26 -18.05
N ILE E 159 -16.80 15.88 -17.48
CA ILE E 159 -15.89 15.20 -16.55
C ILE E 159 -16.18 15.72 -15.16
N GLU E 160 -16.49 14.81 -14.23
CA GLU E 160 -16.62 15.15 -12.82
C GLU E 160 -15.42 14.55 -12.11
N ARG E 161 -14.58 15.42 -11.53
CA ARG E 161 -13.39 14.95 -10.83
C ARG E 161 -13.75 14.59 -9.40
N ASP E 162 -13.40 13.35 -8.99
CA ASP E 162 -13.85 12.87 -7.69
C ASP E 162 -13.24 13.65 -6.53
N ASP E 163 -12.00 14.12 -6.65
CA ASP E 163 -11.44 14.90 -5.55
C ASP E 163 -12.20 16.22 -5.39
N LEU E 164 -12.58 16.84 -6.51
CA LEU E 164 -13.31 18.10 -6.42
C LEU E 164 -14.71 17.89 -5.87
N VAL E 165 -15.35 16.78 -6.24
CA VAL E 165 -16.66 16.47 -5.69
C VAL E 165 -16.56 16.25 -4.18
N VAL E 166 -15.57 15.44 -3.75
CA VAL E 166 -15.36 15.22 -2.34
C VAL E 166 -15.14 16.54 -1.64
N ARG E 167 -14.28 17.39 -2.21
CA ARG E 167 -13.97 18.68 -1.58
C ARG E 167 -15.24 19.49 -1.39
N ALA E 168 -16.19 19.37 -2.31
CA ALA E 168 -17.42 20.13 -2.28
C ALA E 168 -18.47 19.55 -1.35
N ARG E 169 -18.10 18.60 -0.50
CA ARG E 169 -19.04 18.00 0.44
C ARG E 169 -18.39 17.63 1.77
N LYS F 30 3.88 8.29 38.14
CA LYS F 30 5.22 8.76 38.48
C LYS F 30 6.18 8.45 37.35
N LEU F 31 6.90 9.46 36.85
CA LEU F 31 7.84 9.22 35.76
C LEU F 31 9.02 8.39 36.26
N PRO F 32 9.53 7.46 35.44
CA PRO F 32 10.70 6.68 35.87
C PRO F 32 11.95 7.54 35.82
N SER F 33 12.93 7.19 36.64
CA SER F 33 14.21 7.88 36.57
C SER F 33 14.84 7.64 35.20
N PRO F 34 15.69 8.56 34.72
CA PRO F 34 16.34 8.29 33.42
C PRO F 34 17.20 7.05 33.45
N GLU F 35 17.86 6.77 34.60
CA GLU F 35 18.65 5.53 34.70
C GLU F 35 17.76 4.29 34.53
N LEU F 36 16.61 4.27 35.20
CA LEU F 36 15.70 3.12 35.04
C LEU F 36 15.21 3.02 33.61
N TYR F 37 14.83 4.17 33.01
CA TYR F 37 14.33 4.10 31.64
C TYR F 37 15.39 3.51 30.70
N VAL F 38 16.62 3.99 30.80
CA VAL F 38 17.70 3.46 29.96
C VAL F 38 17.86 1.95 30.21
N GLU F 39 17.84 1.56 31.49
CA GLU F 39 18.05 0.15 31.84
C GLU F 39 16.98 -0.72 31.22
N VAL F 40 15.74 -0.25 31.24
CA VAL F 40 14.63 -0.99 30.62
C VAL F 40 14.83 -1.13 29.12
N THR F 41 15.26 -0.05 28.44
CA THR F 41 15.47 -0.18 26.99
C THR F 41 16.53 -1.23 26.68
N GLN F 42 17.58 -1.26 27.49
CA GLN F 42 18.66 -2.22 27.27
C GLN F 42 18.23 -3.63 27.62
N PHE F 43 17.44 -3.78 28.68
CA PHE F 43 16.90 -5.11 28.99
C PHE F 43 16.14 -5.67 27.80
N TYR F 44 15.23 -4.89 27.21
CA TYR F 44 14.38 -5.39 26.14
C TYR F 44 15.16 -5.62 24.86
N ALA F 45 16.11 -4.73 24.56
CA ALA F 45 16.92 -4.93 23.35
C ALA F 45 17.65 -6.26 23.40
N ARG F 46 18.29 -6.55 24.54
CA ARG F 46 19.05 -7.78 24.69
C ARG F 46 18.14 -9.00 24.75
N GLN F 47 17.00 -8.89 25.42
CA GLN F 47 16.07 -10.02 25.50
C GLN F 47 15.54 -10.42 24.11
N MET F 48 15.14 -9.43 23.31
CA MET F 48 14.60 -9.74 21.99
C MET F 48 15.69 -10.14 21.00
N HIS F 49 16.90 -9.57 21.11
CA HIS F 49 17.99 -10.03 20.26
C HIS F 49 18.20 -11.54 20.46
N ARG F 50 18.10 -11.97 21.72
CA ARG F 50 18.27 -13.38 22.03
C ARG F 50 17.13 -14.20 21.43
N MET F 51 15.89 -13.77 21.61
CA MET F 51 14.79 -14.57 21.09
C MET F 51 14.86 -14.64 19.57
N ASP F 52 15.07 -13.50 18.92
CA ASP F 52 15.06 -13.45 17.47
C ASP F 52 16.27 -14.18 16.90
N GLY F 53 17.34 -14.30 17.66
CA GLY F 53 18.55 -14.98 17.25
C GLY F 53 18.56 -16.45 17.58
N ASP F 54 17.43 -17.01 18.01
CA ASP F 54 17.28 -18.42 18.33
C ASP F 54 18.09 -18.85 19.56
N ASP F 55 18.45 -17.90 20.41
CA ASP F 55 19.08 -18.20 21.69
C ASP F 55 17.97 -18.37 22.73
N PHE F 56 17.28 -19.49 22.61
CA PHE F 56 16.03 -19.67 23.35
C PHE F 56 16.31 -19.83 24.84
N GLY F 57 17.39 -20.50 25.19
CA GLY F 57 17.75 -20.62 26.59
C GLY F 57 18.12 -19.28 27.20
N GLY F 58 18.91 -18.49 26.47
CA GLY F 58 19.30 -17.17 26.95
C GLY F 58 18.11 -16.23 27.07
N PHE F 59 17.16 -16.33 26.13
CA PHE F 59 15.89 -15.62 26.27
C PHE F 59 15.20 -16.04 27.56
N ALA F 60 15.07 -17.35 27.77
CA ALA F 60 14.35 -17.82 28.96
C ALA F 60 15.06 -17.41 30.24
N ALA F 61 16.40 -17.29 30.19
CA ALA F 61 17.18 -16.90 31.35
C ALA F 61 16.92 -15.47 31.81
N THR F 62 16.28 -14.64 30.97
CA THR F 62 15.91 -13.30 31.41
C THR F 62 14.66 -13.30 32.28
N PHE F 63 13.99 -14.43 32.43
CA PHE F 63 12.81 -14.58 33.27
C PHE F 63 13.20 -15.20 34.61
N VAL F 64 12.52 -14.78 35.67
CA VAL F 64 12.73 -15.39 36.99
C VAL F 64 12.01 -16.74 37.08
N ALA F 65 12.43 -17.53 38.06
CA ALA F 65 11.72 -18.78 38.32
C ALA F 65 10.26 -18.45 38.61
N GLY F 66 9.38 -19.26 38.05
CA GLY F 66 7.94 -19.06 38.21
C GLY F 66 7.37 -17.84 37.50
N ALA F 67 8.13 -17.20 36.61
CA ALA F 67 7.59 -16.07 35.87
C ALA F 67 6.39 -16.52 35.04
N GLU F 68 5.40 -15.64 34.91
CA GLU F 68 4.17 -15.99 34.21
C GLU F 68 4.21 -15.33 32.84
N PHE F 69 4.06 -16.15 31.79
CA PHE F 69 4.05 -15.68 30.41
C PHE F 69 2.68 -16.12 29.88
N ARG F 70 1.79 -15.15 29.68
CA ARG F 70 0.42 -15.45 29.24
C ARG F 70 0.25 -15.02 27.79
N LEU F 71 -0.07 -16.02 26.97
CA LEU F 71 -0.20 -15.96 25.53
C LEU F 71 -1.54 -15.41 25.15
N THR F 75 -3.44 -19.22 27.15
CA THR F 75 -2.58 -20.23 27.76
C THR F 75 -1.35 -19.59 28.41
N VAL F 76 -0.99 -20.06 29.60
CA VAL F 76 0.12 -19.54 30.39
C VAL F 76 1.27 -20.53 30.39
N LEU F 77 2.48 -20.02 30.21
CA LEU F 77 3.71 -20.76 30.49
C LEU F 77 4.31 -20.19 31.77
N THR F 78 4.63 -21.05 32.72
CA THR F 78 5.19 -20.60 34.00
C THR F 78 6.61 -21.14 34.15
N GLY F 79 7.57 -20.26 34.37
CA GLY F 79 8.94 -20.69 34.59
C GLY F 79 9.76 -20.72 33.32
N PRO F 80 11.09 -20.61 33.47
CA PRO F 80 11.94 -20.53 32.27
C PRO F 80 11.88 -21.76 31.37
N GLU F 81 11.74 -22.97 31.91
CA GLU F 81 11.68 -24.15 31.03
C GLU F 81 10.49 -24.04 30.08
N ALA F 82 9.31 -23.74 30.63
CA ALA F 82 8.12 -23.63 29.81
C ALA F 82 8.22 -22.47 28.84
N ILE F 83 8.79 -21.34 29.27
CA ILE F 83 8.91 -20.16 28.42
C ILE F 83 9.90 -20.41 27.28
N GLU F 84 11.02 -21.11 27.57
CA GLU F 84 11.95 -21.48 26.51
C GLU F 84 11.29 -22.38 25.50
N ALA F 85 10.56 -23.41 25.98
CA ALA F 85 9.92 -24.33 25.07
C ALA F 85 8.92 -23.60 24.17
N GLY F 86 8.14 -22.70 24.76
CA GLY F 86 7.16 -21.95 23.99
C GLY F 86 7.79 -21.04 22.95
N ALA F 87 8.89 -20.39 23.29
CA ALA F 87 9.57 -19.57 22.29
C ALA F 87 10.13 -20.43 21.18
N ARG F 88 10.69 -21.59 21.55
CA ARG F 88 11.19 -22.53 20.55
C ARG F 88 10.05 -22.95 19.64
N ALA F 89 8.89 -23.23 20.22
CA ALA F 89 7.72 -23.64 19.45
C ALA F 89 7.21 -22.50 18.57
N ALA F 90 7.05 -21.31 19.14
CA ALA F 90 6.56 -20.19 18.35
C ALA F 90 7.48 -19.89 17.19
N ALA F 91 8.79 -20.06 17.38
CA ALA F 91 9.72 -19.84 16.30
C ALA F 91 9.46 -20.79 15.14
N GLY F 92 8.83 -21.94 15.42
CA GLY F 92 8.53 -22.89 14.37
C GLY F 92 7.65 -22.30 13.29
N ARG F 93 6.83 -21.32 13.65
CA ARG F 93 5.95 -20.69 12.67
C ARG F 93 6.73 -19.96 11.59
N PHE F 94 7.98 -19.62 11.84
CA PHE F 94 8.81 -18.87 10.91
C PHE F 94 9.54 -19.74 9.90
N ASP F 95 9.64 -21.03 10.15
CA ASP F 95 10.37 -21.90 9.20
C ASP F 95 11.80 -21.38 9.21
N GLY F 96 12.45 -21.27 8.06
CA GLY F 96 13.78 -20.72 7.97
C GLY F 96 13.83 -19.21 7.87
N ALA F 97 12.70 -18.50 7.95
CA ALA F 97 12.72 -17.05 7.81
C ALA F 97 13.18 -16.37 9.10
N GLN F 98 13.48 -15.06 9.00
CA GLN F 98 14.09 -14.33 10.10
C GLN F 98 13.08 -13.41 10.77
N PRO F 99 12.68 -13.69 12.00
CA PRO F 99 11.81 -12.75 12.73
C PRO F 99 12.59 -11.61 13.35
N ARG F 100 11.93 -10.45 13.47
CA ARG F 100 12.46 -9.35 14.25
C ARG F 100 11.31 -8.77 15.05
N HIS F 101 11.49 -8.65 16.37
CA HIS F 101 10.46 -8.07 17.24
C HIS F 101 10.67 -6.56 17.30
N TRP F 102 9.58 -5.81 17.21
CA TRP F 102 9.59 -4.35 17.25
C TRP F 102 8.66 -3.93 18.38
N PHE F 103 9.19 -3.16 19.33
CA PHE F 103 8.40 -2.62 20.43
C PHE F 103 8.31 -1.09 20.29
N ASP F 104 7.21 -0.49 20.76
CA ASP F 104 7.11 0.97 20.73
C ASP F 104 6.01 1.42 21.69
N MET F 105 5.97 2.73 21.91
CA MET F 105 4.95 3.35 22.75
C MET F 105 4.95 2.73 24.16
N MET F 106 6.12 2.68 24.79
CA MET F 106 6.28 1.92 26.01
C MET F 106 6.18 2.83 27.25
N THR F 107 5.19 2.55 28.10
CA THR F 107 5.12 3.20 29.39
C THR F 107 6.02 2.45 30.35
N VAL F 108 6.62 3.18 31.28
CA VAL F 108 7.51 2.58 32.28
C VAL F 108 7.20 3.22 33.62
N GLU F 109 6.88 2.41 34.62
CA GLU F 109 6.56 2.91 35.95
C GLU F 109 7.23 2.01 36.97
N GLU F 110 7.80 2.61 38.01
CA GLU F 110 8.44 1.87 39.09
C GLU F 110 7.55 1.93 40.32
N ALA F 111 7.28 0.76 40.91
CA ALA F 111 6.51 0.72 42.15
C ALA F 111 7.39 0.99 43.37
N ASP F 112 6.71 1.25 44.50
CA ASP F 112 7.45 1.54 45.72
C ASP F 112 8.35 0.38 46.12
N ASP F 113 7.97 -0.84 45.76
CA ASP F 113 8.75 -2.04 46.10
C ASP F 113 9.77 -2.41 45.01
N GLY F 114 10.05 -1.50 44.07
CA GLY F 114 11.04 -1.75 43.06
C GLY F 114 10.53 -2.48 41.84
N THR F 115 9.31 -2.99 41.87
CA THR F 115 8.77 -3.64 40.69
C THR F 115 8.54 -2.61 39.59
N VAL F 116 8.90 -2.96 38.37
CA VAL F 116 8.73 -2.09 37.22
C VAL F 116 7.61 -2.63 36.35
N SER F 117 6.63 -1.78 36.03
CA SER F 117 5.54 -2.14 35.16
C SER F 117 5.71 -1.42 33.82
N THR F 118 5.58 -2.14 32.72
CA THR F 118 5.56 -1.53 31.40
C THR F 118 4.33 -1.97 30.63
N SER F 119 3.93 -1.16 29.67
CA SER F 119 2.93 -1.53 28.67
C SER F 119 3.44 -1.00 27.35
N TYR F 120 3.24 -1.76 26.28
CA TYR F 120 3.79 -1.33 24.99
C TYR F 120 3.13 -2.05 23.84
N TYR F 121 3.36 -1.50 22.65
CA TYR F 121 2.96 -2.11 21.39
C TYR F 121 4.06 -3.04 20.90
N ALA F 122 3.66 -4.15 20.30
CA ALA F 122 4.67 -5.07 19.74
C ALA F 122 4.14 -5.67 18.45
N THR F 123 5.08 -5.87 17.53
CA THR F 123 4.79 -6.70 16.36
C THR F 123 6.07 -7.45 16.02
N VAL F 124 5.95 -8.38 15.08
CA VAL F 124 7.08 -9.16 14.55
C VAL F 124 7.06 -9.05 13.03
N THR F 125 8.18 -8.68 12.45
CA THR F 125 8.35 -8.77 11.00
C THR F 125 9.04 -10.08 10.69
N VAL F 126 8.70 -10.69 9.57
CA VAL F 126 9.27 -11.98 9.20
C VAL F 126 9.81 -11.79 7.80
N THR F 127 11.13 -11.90 7.65
CA THR F 127 11.81 -11.70 6.37
C THR F 127 12.24 -13.04 5.77
N SER F 128 11.81 -13.27 4.54
CA SER F 128 12.09 -14.51 3.84
C SER F 128 13.38 -14.41 3.03
N ALA F 129 13.85 -15.56 2.54
CA ALA F 129 15.06 -15.60 1.73
C ALA F 129 14.96 -14.75 0.46
N GLN F 130 13.75 -14.51 -0.03
CA GLN F 130 13.50 -13.73 -1.24
C GLN F 130 13.26 -12.25 -0.95
N GLY F 131 13.44 -11.84 0.30
CA GLY F 131 13.28 -10.48 0.70
C GLY F 131 11.88 -10.03 0.96
N ALA F 132 10.91 -10.93 0.93
CA ALA F 132 9.54 -10.59 1.33
C ALA F 132 9.44 -10.35 2.83
N VAL F 133 8.59 -9.39 3.23
CA VAL F 133 8.38 -9.09 4.65
C VAL F 133 6.90 -9.29 4.99
N LEU F 134 6.63 -10.14 5.96
CA LEU F 134 5.31 -10.25 6.58
C LEU F 134 5.34 -9.51 7.92
N VAL F 135 4.32 -8.70 8.15
CA VAL F 135 4.12 -8.01 9.43
C VAL F 135 2.99 -8.74 10.16
N GLU F 136 3.29 -9.26 11.37
CA GLU F 136 2.31 -10.02 12.13
C GLU F 136 1.31 -9.07 12.80
N PRO F 137 0.11 -9.57 13.09
CA PRO F 137 -0.85 -8.77 13.85
C PRO F 137 -0.21 -8.20 15.10
N THR F 138 -0.54 -6.94 15.39
CA THR F 138 0.07 -6.26 16.52
C THR F 138 -0.49 -6.77 17.85
N CYS F 139 0.29 -6.55 18.90
CA CYS F 139 -0.09 -6.93 20.25
C CYS F 139 0.04 -5.71 21.16
N PHE F 140 -0.75 -5.72 22.22
CA PHE F 140 -0.58 -4.82 23.37
C PHE F 140 -0.06 -5.66 24.53
N VAL F 141 1.12 -5.30 25.04
CA VAL F 141 1.81 -6.15 26.00
C VAL F 141 1.87 -5.45 27.34
N ARG F 142 1.66 -6.21 28.42
CA ARG F 142 1.84 -5.69 29.77
C ARG F 142 2.86 -6.56 30.48
N ASP F 143 3.95 -5.94 30.92
CA ASP F 143 5.04 -6.62 31.61
C ASP F 143 5.21 -6.12 33.02
N THR F 144 5.70 -7.01 33.91
CA THR F 144 6.34 -6.60 35.15
C THR F 144 7.77 -7.14 35.15
N LEU F 145 8.70 -6.29 35.61
CA LEU F 145 10.12 -6.61 35.76
C LEU F 145 10.51 -6.45 37.21
N VAL F 146 11.47 -7.25 37.67
CA VAL F 146 11.97 -7.17 39.02
C VAL F 146 13.50 -7.19 38.94
N ARG F 147 14.12 -6.64 39.96
CA ARG F 147 15.58 -6.57 40.06
C ARG F 147 16.03 -7.76 40.89
N VAL F 148 16.91 -8.57 40.31
CA VAL F 148 17.42 -9.77 40.96
C VAL F 148 18.93 -9.65 40.87
N SER F 149 19.60 -9.75 42.01
CA SER F 149 20.98 -9.28 42.10
C SER F 149 20.85 -7.78 41.84
N GLY F 150 21.55 -7.21 40.87
CA GLY F 150 21.41 -5.82 40.49
C GLY F 150 20.75 -5.62 39.15
N VAL F 151 20.23 -6.69 38.51
CA VAL F 151 19.80 -6.66 37.12
C VAL F 151 18.32 -6.96 36.97
N LEU F 152 17.72 -6.38 35.93
CA LEU F 152 16.31 -6.61 35.67
C LEU F 152 16.06 -7.99 35.08
N ARG F 153 14.95 -8.59 35.49
CA ARG F 153 14.51 -9.87 34.95
C ARG F 153 13.01 -9.75 34.75
N SER F 154 12.49 -10.52 33.79
CA SER F 154 11.05 -10.56 33.55
C SER F 154 10.36 -11.39 34.63
N ARG F 155 9.30 -10.82 35.20
CA ARG F 155 8.47 -11.49 36.21
C ARG F 155 7.14 -11.94 35.63
N SER F 156 6.54 -11.14 34.76
CA SER F 156 5.25 -11.46 34.16
C SER F 156 5.19 -10.79 32.78
N ARG F 157 4.54 -11.48 31.85
CA ARG F 157 4.31 -10.94 30.53
C ARG F 157 2.92 -11.37 30.09
N VAL F 158 2.08 -10.44 29.70
CA VAL F 158 0.72 -10.75 29.28
C VAL F 158 0.51 -10.13 27.91
N ILE F 159 0.22 -10.96 26.92
CA ILE F 159 0.14 -10.51 25.53
C ILE F 159 -1.32 -10.50 25.14
N GLU F 160 -1.82 -9.36 24.69
CA GLU F 160 -3.16 -9.23 24.12
C GLU F 160 -2.98 -9.02 22.64
N ARG F 161 -3.42 -9.99 21.83
CA ARG F 161 -3.27 -9.91 20.39
C ARG F 161 -4.43 -9.15 19.76
N ASP F 162 -4.09 -8.12 18.96
CA ASP F 162 -5.12 -7.20 18.51
C ASP F 162 -6.12 -7.85 17.60
N ASP F 163 -5.72 -8.83 16.78
CA ASP F 163 -6.70 -9.50 15.92
C ASP F 163 -7.71 -10.30 16.74
N LEU F 164 -7.23 -10.96 17.81
CA LEU F 164 -8.11 -11.76 18.65
C LEU F 164 -9.04 -10.88 19.45
N VAL F 165 -8.54 -9.74 19.94
CA VAL F 165 -9.39 -8.79 20.63
C VAL F 165 -10.47 -8.26 19.69
N VAL F 166 -10.07 -7.87 18.47
CA VAL F 166 -11.03 -7.36 17.49
C VAL F 166 -12.11 -8.41 17.23
N ARG F 167 -11.70 -9.65 17.03
CA ARG F 167 -12.65 -10.73 16.69
C ARG F 167 -13.75 -10.85 17.75
#